data_3RW7
#
_entry.id   3RW7
#
_cell.length_a   139.373
_cell.length_b   139.373
_cell.length_c   207.113
_cell.angle_alpha   90.00
_cell.angle_beta   90.00
_cell.angle_gamma   90.00
#
_symmetry.space_group_name_H-M   'P 41 21 2'
#
loop_
_entity.id
_entity.type
_entity.pdbx_description
1 polymer 'Nuclear RNA export factor 1'
2 water water
#
_entity_poly.entity_id   1
_entity_poly.type   'polypeptide(L)'
_entity_poly.pdbx_seq_one_letter_code
;VRRDRAPPERGGAGTSQDGTSKNWFKITIPYGRKYDKAWLLSMIQSKCSVPFTPIEFHYENTRAQFFVEDASTASALKAV
NYKILDRENRRISIIINSSAPPHTILNELKPEQVEQLKLIMSKRYDGSQQALDLKGLRSDPDLVAQNIDVVLNRRSCMAA
TLRIIEENIPELLSLNLSNNRLYRLDDMSSIVQKAPNLKILNLSGNELKSERELDKIKGLKLEELWLDGNSLCDTFRDQS
TYISAIRERFPKLLRLDGHELPPPIAF
;
_entity_poly.pdbx_strand_id   A,B,C,D
#
# COMPACT_ATOMS: atom_id res chain seq x y z
N ASN A 23 -2.21 0.48 31.50
CA ASN A 23 -1.41 0.69 30.28
C ASN A 23 -1.73 1.98 29.51
N TRP A 24 -0.69 2.57 28.93
CA TRP A 24 -0.72 3.95 28.47
C TRP A 24 -0.98 4.16 27.00
N PHE A 25 -1.29 5.42 26.67
CA PHE A 25 -1.42 5.89 25.30
C PHE A 25 -0.69 7.21 25.12
N LYS A 26 0.01 7.37 24.00
CA LYS A 26 0.72 8.59 23.66
C LYS A 26 -0.04 9.38 22.58
N ILE A 27 -0.57 10.54 22.96
CA ILE A 27 -1.27 11.41 22.01
C ILE A 27 -0.27 12.29 21.28
N THR A 28 -0.41 12.37 19.95
CA THR A 28 0.50 13.14 19.12
C THR A 28 -0.28 14.16 18.32
N ILE A 29 0.11 15.43 18.45
CA ILE A 29 -0.39 16.42 17.54
C ILE A 29 0.74 16.80 16.60
N PRO A 30 0.65 16.37 15.34
CA PRO A 30 1.62 16.87 14.36
C PRO A 30 1.43 18.38 14.29
N TYR A 31 2.53 19.14 14.21
CA TYR A 31 2.46 20.59 14.04
C TYR A 31 1.96 21.34 15.29
N GLY A 32 1.86 20.63 16.41
CA GLY A 32 1.32 21.21 17.64
C GLY A 32 2.16 22.33 18.20
N ARG A 33 3.45 22.33 17.87
CA ARG A 33 4.33 23.41 18.30
C ARG A 33 3.92 24.68 17.60
N LYS A 34 3.06 24.54 16.60
CA LYS A 34 2.62 25.71 15.83
C LYS A 34 1.57 26.52 16.57
N TYR A 35 1.07 25.98 17.68
CA TYR A 35 -0.09 26.53 18.38
C TYR A 35 0.20 26.83 19.87
N ASP A 36 -0.42 27.90 20.39
CA ASP A 36 -0.31 28.23 21.81
C ASP A 36 -0.82 27.05 22.63
N LYS A 37 -0.04 26.65 23.62
CA LYS A 37 -0.35 25.43 24.37
C LYS A 37 -1.73 25.47 24.98
N ALA A 38 -2.01 26.56 25.69
CA ALA A 38 -3.32 26.75 26.32
C ALA A 38 -4.45 26.62 25.28
N TRP A 39 -4.34 27.39 24.21
CA TRP A 39 -5.35 27.40 23.18
C TRP A 39 -5.60 26.01 22.66
N LEU A 40 -4.50 25.31 22.39
CA LEU A 40 -4.56 23.97 21.84
C LEU A 40 -5.21 22.97 22.80
N LEU A 41 -4.70 22.89 24.01
CA LEU A 41 -5.30 21.99 25.00
C LEU A 41 -6.78 22.32 25.27
N SER A 42 -7.14 23.60 25.25
CA SER A 42 -8.51 23.96 25.56
C SER A 42 -9.44 23.61 24.43
N MET A 43 -9.02 23.94 23.21
CA MET A 43 -9.76 23.57 22.00
C MET A 43 -10.03 22.10 22.05
N ILE A 44 -8.95 21.36 22.29
CA ILE A 44 -9.05 19.92 22.32
C ILE A 44 -10.09 19.51 23.33
N GLN A 45 -9.88 19.87 24.60
CA GLN A 45 -10.87 19.57 25.66
C GLN A 45 -12.31 19.99 25.28
N SER A 46 -12.43 21.16 24.67
CA SER A 46 -13.70 21.67 24.23
C SER A 46 -14.49 20.64 23.42
N LYS A 47 -13.79 19.91 22.55
CA LYS A 47 -14.43 18.93 21.69
C LYS A 47 -14.39 17.55 22.29
N CYS A 48 -13.45 17.32 23.21
CA CYS A 48 -13.37 16.03 23.88
C CYS A 48 -14.64 15.82 24.71
N SER A 49 -15.13 14.60 24.80
CA SER A 49 -16.34 14.38 25.59
C SER A 49 -16.01 13.99 27.04
N VAL A 50 -14.74 14.02 27.42
CA VAL A 50 -14.42 13.84 28.83
C VAL A 50 -13.33 14.78 29.34
N PRO A 51 -13.36 15.10 30.65
CA PRO A 51 -12.20 15.81 31.20
C PRO A 51 -10.96 14.92 31.10
N PHE A 52 -9.85 15.50 30.68
CA PHE A 52 -8.60 14.76 30.70
C PHE A 52 -7.46 15.63 31.20
N THR A 53 -6.31 14.99 31.37
CA THR A 53 -5.14 15.68 31.85
C THR A 53 -3.94 15.18 31.07
N PRO A 54 -3.21 16.11 30.46
CA PRO A 54 -1.97 15.79 29.76
C PRO A 54 -0.91 15.23 30.73
N ILE A 55 -0.26 14.13 30.34
CA ILE A 55 0.83 13.56 31.13
C ILE A 55 2.16 13.79 30.42
N GLU A 56 3.16 14.24 31.18
CA GLU A 56 4.46 14.66 30.63
C GLU A 56 4.38 15.25 29.20
N PHE A 57 3.46 16.18 29.00
CA PHE A 57 3.34 16.94 27.74
C PHE A 57 4.66 17.60 27.32
N HIS A 58 5.14 17.27 26.12
CA HIS A 58 6.38 17.87 25.64
C HIS A 58 6.26 18.20 24.16
N TYR A 59 7.22 18.99 23.68
CA TYR A 59 7.41 19.17 22.25
C TYR A 59 8.55 18.29 21.73
N GLU A 60 8.42 17.81 20.49
CA GLU A 60 9.47 17.05 19.79
C GLU A 60 9.51 17.49 18.33
N ASN A 61 10.47 18.34 17.98
CA ASN A 61 10.41 19.09 16.72
C ASN A 61 9.12 19.89 16.72
N THR A 62 8.33 19.81 15.65
CA THR A 62 7.16 20.67 15.59
C THR A 62 5.91 20.01 16.18
N ARG A 63 6.08 18.83 16.75
CA ARG A 63 4.90 18.15 17.19
C ARG A 63 4.73 18.09 18.71
N ALA A 64 3.46 18.04 19.11
CA ALA A 64 3.08 18.05 20.49
C ALA A 64 2.85 16.61 20.91
N GLN A 65 3.40 16.23 22.05
CA GLN A 65 3.10 14.91 22.59
C GLN A 65 2.72 14.93 24.07
N PHE A 66 1.66 14.19 24.40
CA PHE A 66 1.37 13.86 25.78
C PHE A 66 0.93 12.40 26.00
N PHE A 67 0.81 12.00 27.27
CA PHE A 67 0.33 10.67 27.60
C PHE A 67 -1.02 10.66 28.31
N VAL A 68 -1.65 9.49 28.26
CA VAL A 68 -2.94 9.25 28.81
C VAL A 68 -2.92 7.91 29.55
N GLU A 69 -3.38 7.92 30.80
CA GLU A 69 -3.36 6.75 31.70
C GLU A 69 -4.26 5.60 31.24
N ASP A 70 -5.41 5.90 30.63
CA ASP A 70 -6.42 4.87 30.28
C ASP A 70 -7.07 4.97 28.88
N ALA A 71 -7.63 3.85 28.40
CA ALA A 71 -8.10 3.74 27.03
C ALA A 71 -9.36 4.54 26.66
N SER A 72 -10.34 4.59 27.57
CA SER A 72 -11.57 5.36 27.32
C SER A 72 -11.29 6.82 26.98
N THR A 73 -10.33 7.41 27.70
CA THR A 73 -9.86 8.76 27.41
C THR A 73 -9.28 8.83 26.00
N ALA A 74 -8.18 8.12 25.78
CA ALA A 74 -7.54 8.01 24.48
C ALA A 74 -8.52 7.99 23.29
N SER A 75 -9.49 7.07 23.35
CA SER A 75 -10.48 6.92 22.30
C SER A 75 -11.27 8.21 22.11
N ALA A 76 -11.53 8.88 23.23
CA ALA A 76 -12.23 10.16 23.25
C ALA A 76 -11.39 11.29 22.64
N LEU A 77 -10.12 11.35 23.05
CA LEU A 77 -9.17 12.23 22.40
C LEU A 77 -9.18 11.95 20.90
N LYS A 78 -9.00 10.67 20.56
CA LYS A 78 -9.08 10.25 19.17
C LYS A 78 -10.28 10.86 18.39
N ALA A 79 -11.45 11.01 19.00
CA ALA A 79 -12.59 11.54 18.23
C ALA A 79 -12.46 13.02 17.82
N VAL A 80 -11.46 13.72 18.39
CA VAL A 80 -11.25 15.15 18.12
C VAL A 80 -10.46 15.43 16.82
N ASN A 81 -9.88 14.38 16.23
CA ASN A 81 -9.18 14.45 14.96
C ASN A 81 -10.03 15.15 13.89
N TYR A 82 -9.43 16.07 13.13
CA TYR A 82 -10.15 16.80 12.08
C TYR A 82 -11.31 17.70 12.59
N LYS A 83 -11.53 17.73 13.90
CA LYS A 83 -12.62 18.54 14.42
C LYS A 83 -12.19 19.99 14.65
N ILE A 84 -11.01 20.21 15.23
CA ILE A 84 -10.52 21.58 15.48
C ILE A 84 -10.01 22.23 14.21
N LEU A 85 -10.27 23.52 14.05
CA LEU A 85 -9.83 24.24 12.86
C LEU A 85 -9.04 25.50 13.21
N ASP A 86 -7.81 25.60 12.72
CA ASP A 86 -6.88 26.67 13.09
C ASP A 86 -7.12 28.02 12.39
N ARG A 87 -6.45 29.03 12.93
CA ARG A 87 -6.31 30.37 12.34
C ARG A 87 -6.30 30.37 10.80
N GLU A 88 -5.53 29.46 10.21
CA GLU A 88 -5.32 29.40 8.77
C GLU A 88 -6.27 28.45 8.01
N ASN A 89 -7.31 27.97 8.67
CA ASN A 89 -8.29 27.10 8.04
C ASN A 89 -7.75 25.69 7.77
N ARG A 90 -6.76 25.30 8.56
CA ARG A 90 -6.19 23.97 8.48
C ARG A 90 -6.81 23.14 9.58
N ARG A 91 -6.99 21.83 9.37
CA ARG A 91 -7.53 21.02 10.47
C ARG A 91 -6.37 20.53 11.35
N ILE A 92 -6.68 20.03 12.54
CA ILE A 92 -5.63 19.66 13.46
C ILE A 92 -5.66 18.16 13.72
N SER A 93 -4.58 17.48 13.35
CA SER A 93 -4.53 16.03 13.45
C SER A 93 -4.20 15.58 14.87
N ILE A 94 -5.00 14.66 15.38
CA ILE A 94 -4.63 13.94 16.59
C ILE A 94 -4.36 12.47 16.25
N ILE A 95 -3.15 12.02 16.55
CA ILE A 95 -2.71 10.66 16.33
C ILE A 95 -2.60 9.96 17.68
N ILE A 96 -3.21 8.77 17.79
CA ILE A 96 -3.30 8.06 19.07
C ILE A 96 -2.62 6.68 19.01
N ASN A 97 -1.77 6.35 19.97
CA ASN A 97 -1.04 5.08 19.99
C ASN A 97 -0.83 4.48 21.38
N SER A 98 -1.02 3.16 21.51
CA SER A 98 -0.76 2.44 22.75
C SER A 98 0.71 2.65 23.10
N SER A 99 1.06 2.49 24.37
CA SER A 99 2.39 2.94 24.72
C SER A 99 2.92 2.42 26.03
N ALA A 100 4.24 2.27 26.06
CA ALA A 100 4.96 2.05 27.30
C ALA A 100 4.68 3.26 28.18
N PRO A 101 4.81 3.12 29.50
CA PRO A 101 4.61 4.33 30.30
C PRO A 101 5.65 5.38 29.95
N PRO A 102 5.39 6.64 30.32
CA PRO A 102 6.28 7.78 30.04
C PRO A 102 7.68 7.57 30.62
N HIS A 103 8.66 8.32 30.12
CA HIS A 103 10.05 8.21 30.56
C HIS A 103 10.59 6.80 30.33
N THR A 104 10.95 6.48 29.08
CA THR A 104 11.27 5.11 28.69
C THR A 104 11.90 4.98 27.30
N GLU A 108 15.47 4.88 22.12
CA GLU A 108 15.68 4.64 20.70
C GLU A 108 16.00 5.92 19.90
N LEU A 109 15.26 6.12 18.80
CA LEU A 109 15.65 7.04 17.72
C LEU A 109 14.52 7.93 17.21
N LYS A 110 14.65 9.23 17.43
CA LYS A 110 13.66 10.21 16.97
C LYS A 110 13.70 10.39 15.45
N PRO A 111 12.54 10.77 14.85
CA PRO A 111 12.46 11.03 13.42
C PRO A 111 13.39 12.16 12.95
N GLU A 112 13.47 13.25 13.73
CA GLU A 112 14.36 14.37 13.39
C GLU A 112 15.83 13.98 13.54
N GLN A 113 16.06 12.93 14.33
CA GLN A 113 17.38 12.30 14.39
C GLN A 113 17.59 11.40 13.16
N VAL A 114 16.66 10.48 12.94
CA VAL A 114 16.60 9.67 11.72
C VAL A 114 16.69 10.48 10.41
N GLU A 115 15.97 11.59 10.33
CA GLU A 115 15.96 12.36 9.09
C GLU A 115 17.31 13.03 8.91
N GLN A 116 18.06 13.19 10.01
CA GLN A 116 19.44 13.70 9.91
C GLN A 116 20.40 12.60 9.46
N LEU A 117 20.23 11.43 10.04
CA LEU A 117 20.87 10.20 9.56
C LEU A 117 20.65 10.01 8.05
N LYS A 118 19.39 10.02 7.64
CA LYS A 118 18.99 9.92 6.23
C LYS A 118 19.75 10.97 5.39
N LEU A 119 19.88 12.17 5.94
CA LEU A 119 20.61 13.27 5.32
C LEU A 119 22.12 12.97 5.06
N ILE A 120 22.75 12.36 6.06
CA ILE A 120 24.17 12.08 6.03
C ILE A 120 24.46 10.95 5.05
N MET A 121 23.67 9.89 5.13
CA MET A 121 23.77 8.83 4.13
C MET A 121 23.67 9.31 2.69
N SER A 122 22.70 10.15 2.36
CA SER A 122 22.64 10.71 1.01
C SER A 122 23.98 11.32 0.65
N LYS A 123 24.58 11.97 1.64
CA LYS A 123 25.87 12.64 1.44
C LYS A 123 26.96 11.64 1.05
N ARG A 124 27.06 10.56 1.83
CA ARG A 124 28.04 9.53 1.63
C ARG A 124 27.54 8.49 0.62
N TYR A 125 26.63 8.90 -0.24
CA TYR A 125 26.15 7.99 -1.27
C TYR A 125 26.55 8.46 -2.66
N ASP A 126 26.75 7.48 -3.53
CA ASP A 126 27.35 7.69 -4.84
C ASP A 126 26.57 6.97 -5.93
N GLY A 127 25.84 7.73 -6.73
CA GLY A 127 24.99 7.15 -7.76
C GLY A 127 25.75 6.58 -8.94
N SER A 128 26.89 7.20 -9.27
CA SER A 128 27.75 6.70 -10.34
C SER A 128 28.11 5.21 -10.14
N GLN A 129 28.30 4.78 -8.90
CA GLN A 129 28.60 3.38 -8.62
C GLN A 129 27.57 2.65 -7.73
N GLN A 130 26.51 3.35 -7.31
CA GLN A 130 25.53 2.79 -6.39
C GLN A 130 26.19 2.31 -5.10
N ALA A 131 26.98 3.20 -4.50
CA ALA A 131 27.80 2.81 -3.36
C ALA A 131 27.51 3.67 -2.13
N LEU A 132 27.10 3.02 -1.05
CA LEU A 132 27.06 3.68 0.24
C LEU A 132 28.46 3.60 0.88
N ASP A 133 28.81 4.58 1.73
CA ASP A 133 30.06 4.55 2.47
C ASP A 133 29.83 4.93 3.93
N LEU A 134 29.84 3.95 4.82
CA LEU A 134 29.54 4.24 6.21
C LEU A 134 30.69 3.88 7.15
N LYS A 135 31.90 4.30 6.79
CA LYS A 135 33.08 3.99 7.60
C LYS A 135 33.22 4.95 8.78
N GLY A 136 33.27 4.41 10.01
CA GLY A 136 33.51 5.25 11.17
C GLY A 136 32.48 6.36 11.24
N LEU A 137 31.34 6.01 11.79
CA LEU A 137 30.15 6.84 11.68
C LEU A 137 29.81 7.60 12.96
N ARG A 138 30.15 7.05 14.12
CA ARG A 138 30.01 7.79 15.36
C ARG A 138 30.92 9.01 15.22
N SER A 139 32.00 8.77 14.49
CA SER A 139 33.02 9.76 14.25
C SER A 139 32.73 10.59 12.99
N ASP A 140 31.48 11.02 12.84
CA ASP A 140 31.05 11.91 11.76
C ASP A 140 30.82 13.36 12.27
N PRO A 141 31.44 14.35 11.61
CA PRO A 141 31.33 15.75 12.02
C PRO A 141 29.87 16.21 12.22
N ASP A 142 29.04 16.06 11.18
CA ASP A 142 27.69 16.62 11.16
C ASP A 142 26.65 15.89 12.01
N LEU A 143 26.99 14.70 12.52
CA LEU A 143 26.12 14.00 13.47
C LEU A 143 26.61 14.27 14.90
N VAL A 144 27.94 14.34 15.04
CA VAL A 144 28.60 14.80 16.25
C VAL A 144 28.20 16.24 16.55
N ALA A 145 28.37 17.07 15.52
CA ALA A 145 28.06 18.50 15.54
C ALA A 145 26.65 18.83 16.04
N GLN A 146 25.77 17.84 16.07
CA GLN A 146 24.39 18.04 16.53
C GLN A 146 23.98 17.06 17.63
N ASN A 147 24.96 16.49 18.34
CA ASN A 147 24.74 15.54 19.44
C ASN A 147 23.96 14.26 19.07
N ILE A 148 24.15 13.78 17.84
CA ILE A 148 23.54 12.51 17.45
C ILE A 148 24.62 11.43 17.43
N ASP A 149 24.61 10.61 18.47
CA ASP A 149 25.43 9.42 18.49
C ASP A 149 24.83 8.45 17.49
N VAL A 150 25.54 8.17 16.39
CA VAL A 150 25.10 7.09 15.49
C VAL A 150 25.90 5.80 15.69
N VAL A 151 25.26 4.85 16.38
CA VAL A 151 25.89 3.67 16.92
C VAL A 151 25.38 2.40 16.25
N LEU A 152 25.95 2.05 15.10
CA LEU A 152 25.50 0.87 14.36
C LEU A 152 25.61 -0.46 15.12
N ASN A 153 26.30 -0.47 16.26
CA ASN A 153 26.43 -1.69 17.07
C ASN A 153 25.20 -1.90 17.91
N ARG A 154 24.21 -1.05 17.67
CA ARG A 154 22.93 -1.12 18.35
C ARG A 154 21.85 -1.57 17.37
N ARG A 155 21.02 -2.51 17.83
CA ARG A 155 20.05 -3.17 16.97
C ARG A 155 19.12 -2.19 16.26
N SER A 156 18.65 -1.19 17.00
CA SER A 156 17.69 -0.20 16.49
C SER A 156 18.33 0.81 15.54
N CYS A 157 19.58 1.18 15.82
CA CYS A 157 20.30 2.11 14.94
C CYS A 157 20.55 1.48 13.55
N MET A 158 21.03 0.23 13.55
CA MET A 158 21.23 -0.54 12.33
C MET A 158 19.92 -0.77 11.57
N ALA A 159 18.85 -1.01 12.32
CA ALA A 159 17.53 -1.27 11.74
C ALA A 159 17.04 -0.04 10.98
N ALA A 160 17.17 1.11 11.63
CA ALA A 160 16.95 2.42 11.02
C ALA A 160 17.73 2.60 9.69
N THR A 161 19.06 2.50 9.75
CA THR A 161 19.93 2.57 8.56
C THR A 161 19.48 1.72 7.36
N LEU A 162 18.86 0.58 7.65
CA LEU A 162 18.48 -0.41 6.65
C LEU A 162 17.11 -0.15 6.03
N ARG A 163 16.21 0.44 6.81
CA ARG A 163 14.95 0.93 6.26
C ARG A 163 15.24 2.09 5.29
N ILE A 164 16.03 3.06 5.77
CA ILE A 164 16.48 4.15 4.92
C ILE A 164 17.01 3.62 3.58
N ILE A 165 17.80 2.56 3.63
CA ILE A 165 18.33 1.97 2.41
C ILE A 165 17.23 1.40 1.50
N GLU A 166 16.35 0.60 2.09
CA GLU A 166 15.25 -0.03 1.37
C GLU A 166 14.33 1.00 0.74
N GLU A 167 13.92 1.98 1.56
CA GLU A 167 13.09 3.11 1.12
C GLU A 167 13.71 3.88 -0.05
N ASN A 168 15.02 4.11 0.00
CA ASN A 168 15.64 5.09 -0.89
C ASN A 168 16.56 4.55 -2.02
N ILE A 169 17.38 3.56 -1.72
CA ILE A 169 18.32 3.04 -2.72
C ILE A 169 18.36 1.52 -2.77
N PRO A 170 17.28 0.90 -3.29
CA PRO A 170 17.20 -0.55 -3.24
C PRO A 170 18.21 -1.19 -4.19
N GLU A 171 18.61 -0.40 -5.19
CA GLU A 171 19.57 -0.85 -6.19
C GLU A 171 21.01 -0.63 -5.73
N LEU A 172 21.17 -0.38 -4.43
CA LEU A 172 22.49 -0.31 -3.80
C LEU A 172 23.31 -1.56 -4.11
N LEU A 173 24.55 -1.36 -4.55
CA LEU A 173 25.42 -2.45 -5.00
C LEU A 173 26.65 -2.66 -4.12
N SER A 174 27.23 -1.57 -3.61
CA SER A 174 28.39 -1.63 -2.74
C SER A 174 28.06 -0.97 -1.40
N LEU A 175 28.58 -1.51 -0.29
CA LEU A 175 28.27 -1.00 1.05
C LEU A 175 29.45 -1.10 2.00
N ASN A 176 30.20 -0.02 2.15
CA ASN A 176 31.29 0.00 3.11
C ASN A 176 30.77 0.21 4.55
N LEU A 177 31.15 -0.68 5.46
CA LEU A 177 30.70 -0.62 6.84
C LEU A 177 31.85 -0.87 7.81
N SER A 178 33.07 -0.62 7.34
CA SER A 178 34.26 -0.80 8.16
C SER A 178 34.33 0.18 9.34
N ASN A 179 34.98 -0.24 10.42
CA ASN A 179 35.26 0.61 11.58
C ASN A 179 34.01 1.12 12.26
N ASN A 180 33.22 0.18 12.77
CA ASN A 180 31.95 0.52 13.36
C ASN A 180 31.68 -0.42 14.50
N ARG A 181 32.75 -1.08 14.94
CA ARG A 181 32.72 -2.03 16.07
C ARG A 181 31.56 -3.04 16.01
N LEU A 182 31.30 -3.55 14.81
CA LEU A 182 30.22 -4.50 14.59
C LEU A 182 30.54 -5.86 15.19
N TYR A 183 29.60 -6.42 15.94
CA TYR A 183 29.88 -7.60 16.73
C TYR A 183 28.81 -8.68 16.61
N ARG A 184 27.66 -8.32 16.07
CA ARG A 184 26.66 -9.33 15.76
C ARG A 184 25.90 -9.00 14.50
N LEU A 185 26.03 -9.87 13.50
CA LEU A 185 25.47 -9.57 12.20
C LEU A 185 23.99 -9.91 12.10
N ASP A 186 23.43 -10.52 13.15
CA ASP A 186 22.00 -10.81 13.17
C ASP A 186 21.18 -9.52 13.05
N ASP A 187 21.87 -8.39 13.13
CA ASP A 187 21.21 -7.08 13.02
C ASP A 187 21.02 -6.63 11.56
N MET A 188 21.86 -7.12 10.64
CA MET A 188 21.64 -6.89 9.21
C MET A 188 20.95 -8.08 8.53
N SER A 189 20.63 -9.08 9.35
CA SER A 189 20.00 -10.31 8.88
C SER A 189 18.95 -10.00 7.80
N SER A 190 18.20 -8.91 7.98
CA SER A 190 17.19 -8.50 7.01
C SER A 190 17.76 -7.95 5.69
N ILE A 191 19.06 -7.66 5.65
CA ILE A 191 19.64 -6.97 4.50
C ILE A 191 19.45 -7.69 3.17
N VAL A 192 19.28 -9.00 3.23
CA VAL A 192 19.15 -9.81 2.05
C VAL A 192 17.93 -9.42 1.24
N GLN A 193 16.94 -8.83 1.90
CA GLN A 193 15.71 -8.42 1.22
C GLN A 193 15.68 -6.94 0.89
N LYS A 194 16.35 -6.15 1.73
CA LYS A 194 16.33 -4.71 1.60
C LYS A 194 17.30 -4.27 0.49
N ALA A 195 18.45 -4.94 0.44
CA ALA A 195 19.46 -4.65 -0.59
C ALA A 195 19.75 -5.83 -1.53
N PRO A 196 18.73 -6.27 -2.30
CA PRO A 196 18.79 -7.47 -3.14
C PRO A 196 20.13 -7.66 -3.84
N ASN A 197 20.60 -6.62 -4.52
CA ASN A 197 21.72 -6.76 -5.45
C ASN A 197 23.04 -6.26 -4.87
N LEU A 198 23.08 -6.06 -3.57
CA LEU A 198 24.36 -5.81 -2.92
C LEU A 198 25.33 -6.89 -3.36
N LYS A 199 26.50 -6.45 -3.83
CA LYS A 199 27.58 -7.35 -4.22
C LYS A 199 28.98 -6.97 -3.71
N ILE A 200 29.14 -5.77 -3.17
CA ILE A 200 30.41 -5.43 -2.51
C ILE A 200 30.16 -5.04 -1.05
N LEU A 201 30.71 -5.81 -0.12
CA LEU A 201 30.50 -5.54 1.28
C LEU A 201 31.82 -5.42 2.02
N ASN A 202 32.15 -4.22 2.50
CA ASN A 202 33.36 -4.04 3.29
C ASN A 202 33.03 -4.11 4.77
N LEU A 203 33.59 -5.11 5.46
CA LEU A 203 33.40 -5.20 6.91
C LEU A 203 34.72 -5.14 7.67
N SER A 204 35.80 -4.75 7.00
CA SER A 204 37.12 -4.66 7.65
C SER A 204 37.08 -3.85 8.94
N GLY A 205 38.22 -3.72 9.62
CA GLY A 205 38.32 -2.94 10.84
C GLY A 205 37.21 -3.03 11.89
N ASN A 206 36.59 -4.21 12.02
CA ASN A 206 35.48 -4.35 12.99
C ASN A 206 35.79 -5.18 14.23
N GLU A 207 34.76 -5.85 14.74
CA GLU A 207 34.88 -6.56 16.00
C GLU A 207 34.11 -7.87 16.00
N LEU A 208 34.18 -8.58 14.87
CA LEU A 208 33.49 -9.85 14.74
C LEU A 208 34.41 -11.01 15.16
N LYS A 209 33.98 -11.80 16.14
CA LYS A 209 34.83 -12.83 16.75
C LYS A 209 34.85 -14.16 15.98
N SER A 210 33.67 -14.75 15.76
CA SER A 210 33.54 -16.04 15.09
C SER A 210 33.33 -15.83 13.59
N GLU A 211 33.36 -16.91 12.83
CA GLU A 211 33.02 -16.82 11.42
C GLU A 211 31.51 -17.05 11.33
N ARG A 212 30.95 -17.59 12.40
CA ARG A 212 29.52 -17.91 12.47
C ARG A 212 28.64 -16.71 12.16
N GLU A 213 29.22 -15.51 12.27
CA GLU A 213 28.46 -14.30 12.01
C GLU A 213 27.95 -14.26 10.58
N LEU A 214 28.78 -14.77 9.65
CA LEU A 214 28.45 -14.74 8.22
C LEU A 214 27.18 -15.52 7.88
N ASP A 215 26.85 -16.49 8.70
CA ASP A 215 25.67 -17.31 8.40
C ASP A 215 24.39 -16.48 8.40
N LYS A 216 24.46 -15.28 8.98
CA LYS A 216 23.30 -14.38 9.08
C LYS A 216 23.05 -13.55 7.83
N ILE A 217 23.98 -13.58 6.87
CA ILE A 217 23.90 -12.75 5.67
C ILE A 217 24.30 -13.50 4.41
N LYS A 218 24.27 -14.83 4.49
CA LYS A 218 24.81 -15.68 3.42
C LYS A 218 24.00 -15.58 2.12
N GLY A 219 22.75 -15.09 2.24
CA GLY A 219 21.88 -14.97 1.09
C GLY A 219 22.34 -13.97 0.03
N LEU A 220 23.26 -13.09 0.43
CA LEU A 220 23.80 -12.08 -0.48
C LEU A 220 24.75 -12.69 -1.49
N LYS A 221 24.49 -12.45 -2.77
CA LYS A 221 25.39 -12.90 -3.83
C LYS A 221 26.58 -11.96 -4.00
N LEU A 222 27.39 -11.83 -2.95
CA LEU A 222 28.62 -11.04 -3.02
C LEU A 222 29.64 -11.55 -4.05
N GLU A 223 30.35 -10.60 -4.65
CA GLU A 223 31.49 -10.85 -5.51
C GLU A 223 32.72 -10.32 -4.79
N GLU A 224 32.50 -9.32 -3.94
CA GLU A 224 33.58 -8.73 -3.17
C GLU A 224 33.28 -8.83 -1.68
N LEU A 225 34.35 -8.88 -0.88
CA LEU A 225 34.23 -8.95 0.56
C LEU A 225 35.55 -8.54 1.20
N TRP A 226 35.47 -7.95 2.39
CA TRP A 226 36.62 -7.52 3.18
C TRP A 226 36.29 -7.90 4.60
N LEU A 227 37.24 -8.50 5.32
CA LEU A 227 36.98 -8.95 6.69
C LEU A 227 38.10 -8.61 7.63
N ASP A 228 39.25 -8.23 7.08
CA ASP A 228 40.45 -8.09 7.89
C ASP A 228 40.20 -7.15 9.05
N GLY A 229 41.01 -7.25 10.09
CA GLY A 229 40.89 -6.39 11.25
C GLY A 229 40.01 -7.02 12.30
N ASN A 230 39.18 -7.96 11.86
CA ASN A 230 38.31 -8.70 12.75
C ASN A 230 39.03 -9.89 13.40
N SER A 231 38.65 -10.21 14.63
CA SER A 231 39.33 -11.27 15.38
C SER A 231 38.98 -12.69 14.88
N LEU A 232 38.11 -12.79 13.87
CA LEU A 232 37.76 -14.09 13.31
C LEU A 232 38.70 -14.45 12.17
N CYS A 233 39.54 -13.49 11.80
CA CYS A 233 40.55 -13.73 10.80
C CYS A 233 41.70 -14.50 11.44
N ASP A 234 42.00 -14.12 12.68
CA ASP A 234 43.03 -14.79 13.46
C ASP A 234 42.61 -16.22 13.83
N THR A 235 41.37 -16.58 13.53
CA THR A 235 40.90 -17.97 13.66
C THR A 235 41.72 -18.91 12.78
N PHE A 236 41.99 -18.48 11.55
CA PHE A 236 42.57 -19.39 10.55
C PHE A 236 44.10 -19.35 10.54
N ARG A 237 44.70 -20.53 10.36
CA ARG A 237 46.16 -20.70 10.33
C ARG A 237 46.70 -20.52 8.91
N ASP A 238 46.01 -21.12 7.94
CA ASP A 238 46.37 -20.93 6.54
C ASP A 238 45.32 -20.10 5.77
N GLN A 239 45.78 -19.17 4.95
CA GLN A 239 44.87 -18.32 4.16
C GLN A 239 44.00 -19.09 3.16
N SER A 240 44.38 -20.32 2.82
CA SER A 240 43.58 -21.15 1.90
C SER A 240 42.40 -21.82 2.61
N THR A 241 42.42 -21.84 3.94
CA THR A 241 41.30 -22.34 4.78
C THR A 241 40.26 -21.24 4.94
N TYR A 242 40.73 -20.12 5.49
CA TYR A 242 40.06 -18.84 5.46
C TYR A 242 39.20 -18.75 4.20
N ILE A 243 39.85 -18.55 3.05
CA ILE A 243 39.20 -18.41 1.75
C ILE A 243 38.14 -19.51 1.42
N SER A 244 38.38 -20.73 1.89
CA SER A 244 37.43 -21.82 1.67
C SER A 244 36.20 -21.62 2.56
N ALA A 245 36.45 -21.32 3.84
CA ALA A 245 35.40 -21.06 4.82
C ALA A 245 34.43 -19.98 4.36
N ILE A 246 34.95 -18.92 3.75
CA ILE A 246 34.11 -17.83 3.28
C ILE A 246 33.38 -18.16 1.98
N ARG A 247 34.09 -18.74 1.01
CA ARG A 247 33.43 -19.14 -0.22
C ARG A 247 32.35 -20.18 0.09
N GLU A 248 32.46 -20.76 1.29
CA GLU A 248 31.46 -21.68 1.82
C GLU A 248 30.12 -20.96 1.93
N ARG A 249 30.19 -19.68 2.27
CA ARG A 249 29.02 -18.81 2.39
C ARG A 249 28.73 -18.07 1.08
N PHE A 250 29.79 -17.61 0.41
CA PHE A 250 29.65 -16.90 -0.86
C PHE A 250 30.41 -17.55 -2.03
N PRO A 251 29.74 -18.47 -2.75
CA PRO A 251 30.36 -19.23 -3.84
C PRO A 251 30.86 -18.32 -4.97
N LYS A 252 29.97 -17.45 -5.45
CA LYS A 252 30.31 -16.52 -6.52
C LYS A 252 31.47 -15.57 -6.17
N LEU A 253 31.95 -15.61 -4.93
CA LEU A 253 33.00 -14.67 -4.49
C LEU A 253 34.21 -14.67 -5.44
N LEU A 254 34.83 -13.50 -5.56
CA LEU A 254 35.79 -13.21 -6.63
C LEU A 254 37.01 -12.46 -6.12
N ARG A 255 36.75 -11.50 -5.25
CA ARG A 255 37.80 -10.71 -4.63
C ARG A 255 37.68 -10.86 -3.12
N LEU A 256 38.75 -10.60 -2.39
CA LEU A 256 38.67 -10.60 -0.95
C LEU A 256 39.85 -9.88 -0.28
N ASP A 257 39.53 -8.90 0.56
CA ASP A 257 40.51 -8.15 1.34
C ASP A 257 41.52 -7.43 0.45
N GLY A 258 41.11 -7.09 -0.76
CA GLY A 258 41.96 -6.37 -1.67
C GLY A 258 42.46 -7.19 -2.85
N HIS A 259 42.31 -8.51 -2.77
CA HIS A 259 43.01 -9.41 -3.69
C HIS A 259 42.13 -10.23 -4.65
N GLU A 260 42.66 -10.44 -5.86
CA GLU A 260 42.15 -11.44 -6.80
C GLU A 260 41.87 -12.75 -6.07
N LEU A 261 40.90 -13.52 -6.55
CA LEU A 261 40.68 -14.82 -5.95
C LEU A 261 40.97 -15.98 -6.89
N PRO A 262 41.94 -16.83 -6.51
CA PRO A 262 42.07 -18.12 -7.17
C PRO A 262 40.67 -18.72 -7.41
N PRO A 263 40.22 -18.81 -8.67
CA PRO A 263 38.86 -19.23 -9.05
C PRO A 263 38.34 -20.51 -8.37
N PRO A 264 37.03 -20.62 -8.17
CA PRO A 264 36.42 -21.80 -7.53
C PRO A 264 36.68 -23.10 -8.33
N ILE A 265 37.06 -24.16 -7.62
CA ILE A 265 37.11 -25.49 -8.24
C ILE A 265 35.75 -26.14 -8.08
N ALA A 266 35.26 -26.80 -9.12
CA ALA A 266 33.91 -27.38 -9.06
C ALA A 266 33.94 -28.91 -9.02
N PHE A 267 32.79 -29.50 -8.73
CA PHE A 267 32.68 -30.94 -8.55
C PHE A 267 31.30 -31.45 -8.98
N GLU B 108 17.22 -6.66 27.42
CA GLU B 108 16.68 -6.87 28.77
C GLU B 108 16.11 -8.28 28.93
N LEU B 109 16.98 -9.27 28.80
CA LEU B 109 16.61 -10.70 28.90
C LEU B 109 17.83 -11.52 29.31
N LYS B 110 18.05 -11.67 30.63
CA LYS B 110 19.22 -12.41 31.12
C LYS B 110 19.24 -13.83 30.54
N PRO B 111 20.43 -14.30 30.11
CA PRO B 111 20.53 -15.42 29.17
C PRO B 111 19.80 -16.65 29.67
N GLU B 112 19.57 -16.75 30.98
CA GLU B 112 18.80 -17.87 31.50
C GLU B 112 17.33 -17.73 31.13
N GLN B 113 16.85 -16.50 31.06
CA GLN B 113 15.48 -16.24 30.63
C GLN B 113 15.27 -16.79 29.21
N VAL B 114 16.10 -16.34 28.27
CA VAL B 114 16.15 -16.91 26.93
C VAL B 114 16.04 -18.46 26.91
N GLU B 115 16.67 -19.12 27.87
CA GLU B 115 16.68 -20.58 27.91
C GLU B 115 15.32 -21.17 28.26
N GLN B 116 14.68 -20.59 29.27
CA GLN B 116 13.37 -21.06 29.67
C GLN B 116 12.39 -20.83 28.52
N LEU B 117 12.50 -19.67 27.87
CA LEU B 117 11.76 -19.37 26.63
C LEU B 117 11.97 -20.46 25.57
N LYS B 118 13.24 -20.75 25.29
CA LYS B 118 13.62 -21.89 24.45
C LYS B 118 12.87 -23.13 24.93
N LEU B 119 13.04 -23.47 26.21
CA LEU B 119 12.30 -24.58 26.81
C LEU B 119 10.78 -24.46 26.57
N ILE B 120 10.23 -23.27 26.79
CA ILE B 120 8.80 -23.05 26.62
C ILE B 120 8.32 -23.34 25.20
N MET B 121 9.00 -22.73 24.22
CA MET B 121 8.75 -22.98 22.82
C MET B 121 8.61 -24.49 22.49
N SER B 122 9.55 -25.31 22.96
CA SER B 122 9.52 -26.75 22.69
C SER B 122 8.24 -27.45 23.17
N LYS B 123 7.69 -26.97 24.28
CA LYS B 123 6.44 -27.54 24.76
C LYS B 123 5.34 -27.11 23.78
N ARG B 124 5.52 -25.93 23.17
CA ARG B 124 4.52 -25.40 22.23
C ARG B 124 4.80 -25.76 20.76
N TYR B 125 5.76 -26.65 20.54
CA TYR B 125 6.03 -27.16 19.21
C TYR B 125 5.23 -28.44 18.98
N ASP B 126 5.11 -28.83 17.72
CA ASP B 126 4.59 -30.14 17.39
C ASP B 126 5.45 -30.65 16.24
N GLY B 127 6.33 -31.60 16.53
CA GLY B 127 7.30 -32.07 15.55
C GLY B 127 6.68 -32.70 14.32
N SER B 128 5.42 -33.13 14.44
CA SER B 128 4.77 -33.93 13.39
C SER B 128 4.25 -33.09 12.24
N GLN B 129 3.35 -32.17 12.57
CA GLN B 129 2.89 -31.18 11.60
C GLN B 129 3.90 -30.04 11.50
N GLN B 130 4.82 -29.95 12.47
CA GLN B 130 5.92 -28.99 12.42
C GLN B 130 5.42 -27.58 12.60
N ALA B 131 4.74 -27.36 13.71
CA ALA B 131 4.05 -26.09 13.96
C ALA B 131 4.44 -25.50 15.31
N LEU B 132 4.61 -24.19 15.34
CA LEU B 132 4.88 -23.45 16.58
C LEU B 132 3.65 -22.63 16.96
N ASP B 133 3.36 -22.56 18.26
CA ASP B 133 2.19 -21.84 18.72
C ASP B 133 2.58 -20.86 19.81
N LEU B 134 2.85 -19.63 19.41
CA LEU B 134 3.17 -18.57 20.35
C LEU B 134 1.99 -17.58 20.54
N LYS B 135 0.77 -18.10 20.50
CA LYS B 135 -0.45 -17.29 20.65
C LYS B 135 -0.62 -16.72 22.07
N GLY B 136 -0.57 -15.39 22.18
CA GLY B 136 -0.76 -14.72 23.46
C GLY B 136 0.31 -15.11 24.48
N LEU B 137 1.54 -15.17 24.00
CA LEU B 137 2.64 -15.68 24.78
C LEU B 137 2.79 -15.02 26.15
N ARG B 138 2.56 -13.72 26.22
CA ARG B 138 2.71 -12.99 27.48
C ARG B 138 1.82 -13.58 28.58
N SER B 139 0.87 -14.44 28.20
CA SER B 139 -0.05 -15.06 29.16
C SER B 139 0.12 -16.58 29.28
N ASP B 140 1.37 -17.04 29.16
CA ASP B 140 1.68 -18.47 29.27
C ASP B 140 1.83 -18.90 30.75
N PRO B 141 1.04 -19.92 31.16
CA PRO B 141 1.06 -20.52 32.50
C PRO B 141 2.48 -20.58 33.09
N ASP B 142 3.34 -21.38 32.45
CA ASP B 142 4.69 -21.69 32.92
C ASP B 142 5.68 -20.52 32.86
N LEU B 143 5.16 -19.31 32.64
CA LEU B 143 5.98 -18.11 32.41
C LEU B 143 5.38 -16.99 33.25
N VAL B 144 4.08 -17.08 33.47
CA VAL B 144 3.44 -16.25 34.45
C VAL B 144 4.08 -16.73 35.76
N ALA B 145 4.32 -18.04 35.83
CA ALA B 145 4.87 -18.69 37.03
C ALA B 145 6.29 -18.29 37.48
N GLN B 146 7.25 -18.18 36.56
CA GLN B 146 8.57 -17.70 36.98
C GLN B 146 8.74 -16.18 36.94
N ASN B 147 7.61 -15.46 36.88
CA ASN B 147 7.61 -14.01 36.66
C ASN B 147 8.53 -13.63 35.49
N ILE B 148 8.19 -14.16 34.32
CA ILE B 148 8.93 -13.84 33.08
C ILE B 148 8.02 -13.18 32.05
N ASP B 149 8.49 -12.06 31.50
CA ASP B 149 7.68 -11.22 30.63
C ASP B 149 8.21 -11.24 29.19
N VAL B 150 7.61 -12.11 28.39
CA VAL B 150 7.90 -12.19 26.97
C VAL B 150 7.05 -11.20 26.17
N VAL B 151 7.69 -10.15 25.69
CA VAL B 151 7.02 -9.12 24.91
C VAL B 151 7.47 -9.17 23.42
N LEU B 152 6.78 -9.97 22.63
CA LEU B 152 7.14 -10.15 21.23
C LEU B 152 7.10 -8.85 20.44
N ASN B 153 6.26 -7.90 20.85
CA ASN B 153 6.22 -6.65 20.10
C ASN B 153 7.43 -5.75 20.38
N ARG B 154 8.34 -6.25 21.22
CA ARG B 154 9.64 -5.61 21.46
C ARG B 154 10.71 -6.16 20.51
N ARG B 155 11.49 -5.27 19.93
CA ARG B 155 12.45 -5.66 18.90
C ARG B 155 13.41 -6.78 19.32
N SER B 156 14.04 -6.64 20.48
CA SER B 156 14.99 -7.66 20.96
C SER B 156 14.31 -9.02 21.26
N CYS B 157 13.14 -8.97 21.88
CA CYS B 157 12.38 -10.19 22.15
C CYS B 157 12.11 -11.00 20.88
N MET B 158 11.56 -10.35 19.88
CA MET B 158 11.20 -11.02 18.64
C MET B 158 12.47 -11.58 18.03
N ALA B 159 13.54 -10.79 18.13
CA ALA B 159 14.89 -11.23 17.74
C ALA B 159 15.25 -12.56 18.41
N ALA B 160 15.27 -12.55 19.75
CA ALA B 160 15.56 -13.74 20.53
C ALA B 160 14.75 -14.93 20.04
N THR B 161 13.49 -14.70 19.71
CA THR B 161 12.59 -15.77 19.30
C THR B 161 12.94 -16.35 17.92
N LEU B 162 13.37 -15.49 17.01
CA LEU B 162 13.71 -15.94 15.68
C LEU B 162 15.06 -16.64 15.67
N ARG B 163 15.94 -16.24 16.59
CA ARG B 163 17.23 -16.91 16.75
C ARG B 163 17.00 -18.35 17.22
N ILE B 164 16.07 -18.53 18.14
CA ILE B 164 15.71 -19.85 18.63
C ILE B 164 15.12 -20.70 17.51
N ILE B 165 14.25 -20.11 16.71
CA ILE B 165 13.72 -20.77 15.52
C ILE B 165 14.85 -21.14 14.55
N GLU B 166 15.66 -20.15 14.17
CA GLU B 166 16.70 -20.36 13.16
C GLU B 166 17.65 -21.52 13.49
N GLU B 167 18.13 -21.56 14.73
CA GLU B 167 19.03 -22.63 15.14
C GLU B 167 18.31 -23.97 15.40
N ASN B 168 17.13 -23.94 16.03
CA ASN B 168 16.44 -25.17 16.42
C ASN B 168 15.32 -25.73 15.52
N ILE B 169 14.72 -24.91 14.67
CA ILE B 169 13.63 -25.42 13.82
C ILE B 169 13.72 -24.90 12.39
N PRO B 170 14.83 -25.21 11.72
CA PRO B 170 14.94 -24.79 10.32
C PRO B 170 13.75 -25.28 9.51
N GLU B 171 13.17 -26.39 9.96
CA GLU B 171 12.13 -27.10 9.23
C GLU B 171 10.72 -26.59 9.54
N LEU B 172 10.63 -25.65 10.46
CA LEU B 172 9.36 -25.03 10.82
C LEU B 172 8.47 -24.76 9.61
N LEU B 173 7.19 -25.10 9.72
CA LEU B 173 6.27 -25.03 8.59
C LEU B 173 5.10 -24.09 8.83
N SER B 174 4.56 -24.13 10.04
CA SER B 174 3.49 -23.22 10.42
C SER B 174 3.85 -22.50 11.73
N LEU B 175 3.34 -21.28 11.88
CA LEU B 175 3.64 -20.42 13.02
C LEU B 175 2.41 -19.63 13.43
N ASN B 176 2.19 -19.52 14.75
CA ASN B 176 1.06 -18.80 15.29
C ASN B 176 1.55 -17.62 16.11
N LEU B 177 1.34 -16.39 15.64
CA LEU B 177 1.76 -15.23 16.43
C LEU B 177 0.61 -14.32 16.86
N SER B 178 -0.62 -14.83 16.77
CA SER B 178 -1.83 -14.07 17.11
C SER B 178 -1.91 -13.60 18.58
N ASN B 179 -2.58 -12.47 18.78
CA ASN B 179 -2.84 -11.89 20.10
C ASN B 179 -1.56 -11.54 20.83
N ASN B 180 -0.68 -10.85 20.12
CA ASN B 180 0.60 -10.49 20.69
C ASN B 180 0.86 -9.00 20.58
N ARG B 181 -0.22 -8.25 20.31
CA ARG B 181 -0.14 -6.80 20.21
C ARG B 181 1.02 -6.43 19.28
N LEU B 182 1.17 -7.17 18.19
CA LEU B 182 2.24 -6.85 17.26
C LEU B 182 1.80 -5.72 16.33
N TYR B 183 2.63 -4.67 16.30
CA TYR B 183 2.33 -3.48 15.51
C TYR B 183 3.34 -3.22 14.38
N ARG B 184 4.52 -3.82 14.47
CA ARG B 184 5.49 -3.62 13.38
C ARG B 184 6.28 -4.87 12.90
N LEU B 185 6.20 -5.15 11.62
CA LEU B 185 6.76 -6.39 11.13
C LEU B 185 8.20 -6.25 10.62
N ASP B 186 8.76 -5.04 10.63
CA ASP B 186 10.20 -4.92 10.39
C ASP B 186 10.92 -5.76 11.45
N ASP B 187 10.30 -5.88 12.62
CA ASP B 187 10.86 -6.65 13.73
C ASP B 187 11.11 -8.13 13.41
N MET B 188 10.48 -8.65 12.37
CA MET B 188 10.72 -10.04 11.97
C MET B 188 11.03 -10.22 10.48
N SER B 189 11.51 -9.18 9.81
CA SER B 189 11.72 -9.28 8.37
C SER B 189 12.81 -10.31 8.03
N SER B 190 13.60 -10.69 9.02
CA SER B 190 14.61 -11.71 8.79
C SER B 190 13.97 -13.09 8.73
N ILE B 191 12.70 -13.21 9.14
CA ILE B 191 12.06 -14.53 9.16
C ILE B 191 12.05 -15.19 7.79
N VAL B 192 12.24 -14.40 6.74
CA VAL B 192 12.28 -14.93 5.40
C VAL B 192 13.42 -15.94 5.26
N GLN B 193 14.59 -15.61 5.81
CA GLN B 193 15.69 -16.55 5.68
C GLN B 193 15.80 -17.46 6.88
N LYS B 194 15.21 -17.05 7.99
CA LYS B 194 15.29 -17.84 9.21
C LYS B 194 14.32 -19.03 9.18
N ALA B 195 13.22 -18.86 8.46
CA ALA B 195 12.26 -19.95 8.33
C ALA B 195 11.91 -20.09 6.86
N PRO B 196 12.87 -20.57 6.07
CA PRO B 196 12.70 -20.62 4.62
C PRO B 196 11.56 -21.56 4.23
N ASN B 197 11.10 -22.37 5.16
CA ASN B 197 10.04 -23.26 4.78
C ASN B 197 8.63 -22.86 5.22
N LEU B 198 8.54 -21.84 6.05
CA LEU B 198 7.26 -21.42 6.60
C LEU B 198 6.22 -21.20 5.51
N LYS B 199 5.03 -21.78 5.71
CA LYS B 199 3.95 -21.60 4.76
C LYS B 199 2.58 -21.36 5.43
N ILE B 200 2.55 -21.48 6.76
CA ILE B 200 1.36 -21.02 7.47
C ILE B 200 1.67 -19.99 8.52
N LEU B 201 1.16 -18.78 8.29
CA LEU B 201 1.31 -17.69 9.25
C LEU B 201 -0.04 -17.25 9.78
N ASN B 202 -0.15 -17.24 11.10
CA ASN B 202 -1.30 -16.69 11.80
C ASN B 202 -0.90 -15.39 12.52
N LEU B 203 -1.43 -14.29 12.03
CA LEU B 203 -1.15 -12.99 12.59
C LEU B 203 -2.45 -12.38 13.12
N SER B 204 -3.47 -13.21 13.17
CA SER B 204 -4.79 -12.73 13.51
C SER B 204 -4.76 -12.11 14.90
N GLY B 205 -5.67 -11.15 15.13
CA GLY B 205 -5.89 -10.59 16.45
C GLY B 205 -4.66 -9.91 17.02
N ASN B 206 -4.03 -9.08 16.19
CA ASN B 206 -2.91 -8.28 16.63
C ASN B 206 -3.25 -6.82 16.53
N GLU B 207 -2.21 -6.00 16.39
CA GLU B 207 -2.37 -4.57 16.33
C GLU B 207 -1.79 -3.95 15.05
N LEU B 208 -2.13 -4.52 13.89
CA LEU B 208 -1.53 -4.03 12.65
C LEU B 208 -2.46 -3.10 11.89
N LYS B 209 -2.00 -1.88 11.66
CA LYS B 209 -2.84 -0.86 11.05
C LYS B 209 -2.82 -0.77 9.52
N SER B 210 -1.71 -1.08 8.88
CA SER B 210 -1.64 -0.97 7.41
C SER B 210 -1.26 -2.28 6.71
N GLU B 211 -1.91 -2.59 5.59
CA GLU B 211 -1.48 -3.70 4.75
C GLU B 211 0.00 -3.58 4.44
N ARG B 212 0.53 -2.36 4.52
CA ARG B 212 1.90 -2.12 4.08
C ARG B 212 2.94 -2.75 5.00
N GLU B 213 2.47 -3.29 6.12
CA GLU B 213 3.36 -4.02 7.02
C GLU B 213 3.73 -5.38 6.45
N LEU B 214 2.82 -5.91 5.63
CA LEU B 214 3.05 -7.17 4.95
C LEU B 214 4.31 -7.12 4.08
N ASP B 215 4.63 -5.95 3.55
CA ASP B 215 5.75 -5.84 2.63
C ASP B 215 7.05 -6.31 3.28
N LYS B 216 7.04 -6.36 4.61
CA LYS B 216 8.23 -6.74 5.36
C LYS B 216 8.40 -8.27 5.50
N ILE B 217 7.39 -9.04 5.12
CA ILE B 217 7.46 -10.49 5.17
C ILE B 217 7.10 -11.10 3.81
N LYS B 218 7.29 -10.31 2.77
CA LYS B 218 6.88 -10.59 1.41
C LYS B 218 7.57 -11.82 0.82
N GLY B 219 8.79 -12.10 1.34
CA GLY B 219 9.57 -13.22 0.84
C GLY B 219 8.98 -14.58 1.17
N LEU B 220 8.35 -14.70 2.33
CA LEU B 220 7.61 -15.90 2.69
C LEU B 220 6.73 -16.40 1.55
N LYS B 221 6.87 -17.68 1.21
CA LYS B 221 5.93 -18.31 0.27
C LYS B 221 4.73 -18.86 1.05
N LEU B 222 3.89 -17.95 1.52
CA LEU B 222 2.74 -18.37 2.32
C LEU B 222 1.72 -19.07 1.46
N GLU B 223 1.24 -20.22 1.94
CA GLU B 223 -0.03 -20.70 1.38
C GLU B 223 -1.24 -20.30 2.27
N GLU B 224 -1.04 -20.21 3.58
CA GLU B 224 -2.14 -19.88 4.50
C GLU B 224 -1.84 -18.71 5.47
N LEU B 225 -2.73 -17.73 5.50
CA LEU B 225 -2.52 -16.54 6.31
C LEU B 225 -3.76 -16.11 7.11
N TRP B 226 -3.52 -15.65 8.34
CA TRP B 226 -4.58 -15.11 9.18
C TRP B 226 -4.24 -13.68 9.57
N LEU B 227 -5.09 -12.75 9.14
CA LEU B 227 -4.92 -11.34 9.47
C LEU B 227 -6.11 -10.75 10.23
N ASP B 228 -7.28 -11.40 10.15
CA ASP B 228 -8.48 -10.83 10.76
C ASP B 228 -8.25 -10.38 12.19
N GLY B 229 -8.95 -9.34 12.61
CA GLY B 229 -8.82 -8.86 13.98
C GLY B 229 -7.72 -7.84 14.07
N ASN B 230 -7.21 -7.45 12.91
CA ASN B 230 -6.27 -6.36 12.82
C ASN B 230 -7.01 -5.16 12.24
N SER B 231 -6.52 -3.97 12.57
CA SER B 231 -7.20 -2.73 12.20
C SER B 231 -7.21 -2.57 10.67
N LEU B 232 -6.10 -2.97 10.03
CA LEU B 232 -5.97 -2.87 8.58
C LEU B 232 -7.15 -3.49 7.80
N CYS B 233 -7.85 -4.44 8.40
CA CYS B 233 -8.93 -5.09 7.69
C CYS B 233 -10.05 -4.10 7.33
N ASP B 234 -10.09 -2.97 8.05
CA ASP B 234 -11.12 -1.93 7.85
C ASP B 234 -10.84 -1.00 6.66
N THR B 235 -9.61 -1.06 6.16
CA THR B 235 -9.20 -0.31 4.99
C THR B 235 -9.94 -0.73 3.72
N PHE B 236 -10.70 -1.82 3.79
CA PHE B 236 -11.24 -2.48 2.60
C PHE B 236 -12.74 -2.54 2.58
N ARG B 237 -13.31 -2.33 1.39
CA ARG B 237 -14.77 -2.32 1.26
C ARG B 237 -15.42 -3.71 1.05
N ASP B 238 -14.62 -4.69 0.63
CA ASP B 238 -15.12 -6.05 0.35
C ASP B 238 -13.97 -7.06 0.45
N GLN B 239 -14.30 -8.35 0.50
CA GLN B 239 -13.24 -9.36 0.47
C GLN B 239 -12.41 -9.29 -0.83
N SER B 240 -13.04 -8.87 -1.92
CA SER B 240 -12.37 -8.79 -3.23
C SER B 240 -11.04 -8.03 -3.18
N THR B 241 -11.15 -6.76 -2.83
CA THR B 241 -10.00 -5.87 -2.67
C THR B 241 -9.04 -6.30 -1.55
N TYR B 242 -9.62 -6.74 -0.43
CA TYR B 242 -8.83 -7.34 0.66
C TYR B 242 -7.93 -8.45 0.12
N ILE B 243 -8.52 -9.36 -0.65
CA ILE B 243 -7.80 -10.52 -1.14
C ILE B 243 -6.75 -10.14 -2.19
N SER B 244 -7.11 -9.24 -3.11
CA SER B 244 -6.13 -8.75 -4.09
C SER B 244 -4.96 -8.15 -3.36
N ALA B 245 -5.25 -7.35 -2.34
CA ALA B 245 -4.21 -6.68 -1.55
C ALA B 245 -3.23 -7.68 -1.01
N ILE B 246 -3.74 -8.74 -0.40
CA ILE B 246 -2.87 -9.74 0.19
C ILE B 246 -2.11 -10.58 -0.87
N ARG B 247 -2.80 -10.83 -1.97
CA ARG B 247 -2.24 -11.72 -2.97
C ARG B 247 -1.12 -11.06 -3.76
N GLU B 248 -1.04 -9.73 -3.68
CA GLU B 248 0.15 -8.97 -4.12
C GLU B 248 1.43 -9.36 -3.35
N ARG B 249 1.31 -9.72 -2.08
CA ARG B 249 2.50 -10.10 -1.29
C ARG B 249 2.75 -11.59 -1.36
N PHE B 250 1.64 -12.31 -1.52
CA PHE B 250 1.62 -13.76 -1.50
C PHE B 250 0.72 -14.23 -2.62
N PRO B 251 1.30 -14.36 -3.82
CA PRO B 251 0.59 -14.65 -5.09
C PRO B 251 -0.08 -16.02 -5.09
N LYS B 252 0.45 -16.93 -4.27
CA LYS B 252 -0.02 -18.29 -4.24
C LYS B 252 -0.87 -18.61 -2.99
N LEU B 253 -1.13 -17.61 -2.15
CA LEU B 253 -1.98 -17.81 -0.98
C LEU B 253 -3.22 -18.62 -1.33
N LEU B 254 -3.54 -19.60 -0.50
CA LEU B 254 -4.65 -20.51 -0.77
C LEU B 254 -5.77 -20.40 0.25
N ARG B 255 -5.41 -19.95 1.45
CA ARG B 255 -6.38 -19.82 2.52
C ARG B 255 -6.12 -18.51 3.28
N LEU B 256 -7.17 -17.71 3.41
CA LEU B 256 -7.09 -16.46 4.13
C LEU B 256 -8.11 -16.39 5.26
N ASP B 257 -7.61 -16.29 6.50
CA ASP B 257 -8.46 -16.04 7.67
C ASP B 257 -9.33 -17.27 7.97
N GLY B 258 -8.87 -18.42 7.52
CA GLY B 258 -9.61 -19.62 7.75
C GLY B 258 -10.47 -20.03 6.57
N HIS B 259 -10.59 -19.20 5.56
CA HIS B 259 -11.44 -19.58 4.44
C HIS B 259 -10.65 -19.91 3.18
N GLU B 260 -11.11 -20.93 2.47
CA GLU B 260 -10.50 -21.27 1.21
C GLU B 260 -10.77 -20.19 0.15
N LEU B 261 -9.81 -20.00 -0.74
CA LEU B 261 -9.91 -18.95 -1.72
C LEU B 261 -10.00 -19.59 -3.08
N PRO B 262 -10.58 -18.85 -4.04
CA PRO B 262 -10.47 -19.25 -5.44
C PRO B 262 -9.00 -19.36 -5.78
N PRO B 263 -8.63 -20.31 -6.65
CA PRO B 263 -7.25 -20.38 -7.10
C PRO B 263 -6.83 -19.09 -7.82
N PRO B 264 -5.53 -18.76 -7.73
CA PRO B 264 -4.92 -17.62 -8.44
C PRO B 264 -5.18 -17.73 -9.95
N ILE B 265 -5.64 -16.65 -10.59
CA ILE B 265 -5.79 -16.66 -12.05
C ILE B 265 -4.50 -16.23 -12.77
N ALA B 266 -4.19 -16.88 -13.88
CA ALA B 266 -2.87 -16.78 -14.47
C ALA B 266 -2.81 -15.98 -15.78
N PHE B 267 -1.93 -14.98 -15.81
CA PHE B 267 -1.64 -14.25 -17.06
C PHE B 267 -0.16 -14.45 -17.48
N LYS C 22 -31.75 9.32 8.51
CA LYS C 22 -32.23 9.35 7.13
C LYS C 22 -31.41 8.46 6.22
N ASN C 23 -30.09 8.61 6.31
CA ASN C 23 -29.14 7.96 5.39
C ASN C 23 -28.77 6.50 5.68
N TRP C 24 -28.62 5.72 4.60
CA TRP C 24 -28.59 4.26 4.65
C TRP C 24 -27.22 3.62 4.88
N PHE C 25 -27.25 2.34 5.26
CA PHE C 25 -26.05 1.53 5.44
C PHE C 25 -26.21 0.12 4.88
N LYS C 26 -25.21 -0.34 4.12
CA LYS C 26 -25.21 -1.68 3.53
C LYS C 26 -24.31 -2.59 4.35
N ILE C 27 -24.87 -3.72 4.80
CA ILE C 27 -24.12 -4.66 5.65
C ILE C 27 -23.65 -5.90 4.88
N THR C 28 -22.35 -6.15 4.92
CA THR C 28 -21.76 -7.32 4.23
C THR C 28 -21.06 -8.28 5.20
N ILE C 29 -21.51 -9.51 5.21
CA ILE C 29 -20.83 -10.61 5.90
C ILE C 29 -20.31 -11.62 4.87
N PRO C 30 -19.00 -11.53 4.53
CA PRO C 30 -18.30 -12.51 3.69
C PRO C 30 -18.51 -13.91 4.24
N TYR C 31 -18.88 -14.86 3.40
CA TYR C 31 -19.01 -16.24 3.86
C TYR C 31 -20.24 -16.44 4.73
N GLY C 32 -21.15 -15.49 4.70
CA GLY C 32 -22.37 -15.57 5.48
C GLY C 32 -23.18 -16.82 5.19
N ARG C 33 -23.43 -17.08 3.91
CA ARG C 33 -24.19 -18.26 3.50
C ARG C 33 -23.68 -19.51 4.19
N LYS C 34 -22.41 -19.51 4.57
CA LYS C 34 -21.81 -20.65 5.24
C LYS C 34 -22.28 -20.75 6.69
N TYR C 35 -23.40 -20.10 6.99
CA TYR C 35 -23.97 -20.12 8.33
C TYR C 35 -25.49 -20.06 8.29
N ASP C 36 -26.13 -20.65 9.29
CA ASP C 36 -27.58 -20.67 9.37
C ASP C 36 -28.14 -19.27 9.62
N LYS C 37 -28.97 -18.79 8.70
CA LYS C 37 -29.57 -17.47 8.81
C LYS C 37 -29.99 -17.18 10.25
N ALA C 38 -30.76 -18.10 10.83
CA ALA C 38 -31.24 -17.93 12.21
C ALA C 38 -30.09 -17.64 13.17
N TRP C 39 -29.20 -18.61 13.33
CA TRP C 39 -28.09 -18.53 14.27
C TRP C 39 -27.19 -17.31 14.08
N LEU C 40 -26.91 -16.96 12.82
CA LEU C 40 -26.02 -15.82 12.57
C LEU C 40 -26.63 -14.56 13.17
N LEU C 41 -27.86 -14.25 12.77
CA LEU C 41 -28.60 -13.08 13.23
C LEU C 41 -28.73 -13.02 14.75
N SER C 42 -29.20 -14.12 15.34
CA SER C 42 -29.28 -14.22 16.79
C SER C 42 -27.90 -13.94 17.41
N MET C 43 -26.89 -14.63 16.88
CA MET C 43 -25.50 -14.46 17.34
C MET C 43 -25.07 -12.99 17.37
N ILE C 44 -25.49 -12.23 16.35
CA ILE C 44 -25.21 -10.81 16.29
C ILE C 44 -26.02 -10.05 17.33
N GLN C 45 -27.32 -10.29 17.33
CA GLN C 45 -28.23 -9.70 18.30
C GLN C 45 -27.71 -9.94 19.73
N SER C 46 -27.28 -11.18 20.02
CA SER C 46 -26.79 -11.58 21.35
C SER C 46 -25.50 -10.86 21.78
N LYS C 47 -24.81 -10.29 20.80
CA LYS C 47 -23.49 -9.70 20.98
C LYS C 47 -23.56 -8.20 20.72
N CYS C 48 -24.38 -7.82 19.74
CA CYS C 48 -24.58 -6.41 19.41
C CYS C 48 -25.22 -5.67 20.57
N SER C 49 -24.82 -4.41 20.77
CA SER C 49 -25.36 -3.60 21.85
C SER C 49 -26.88 -3.38 21.76
N VAL C 50 -27.37 -3.00 20.58
CA VAL C 50 -28.77 -2.59 20.42
C VAL C 50 -29.58 -3.53 19.53
N PRO C 51 -30.91 -3.60 19.75
CA PRO C 51 -31.77 -4.27 18.78
C PRO C 51 -31.77 -3.52 17.45
N PHE C 52 -31.59 -4.27 16.36
CA PHE C 52 -31.70 -3.74 15.02
C PHE C 52 -32.71 -4.62 14.30
N THR C 53 -33.07 -4.24 13.08
CA THR C 53 -33.83 -5.14 12.22
C THR C 53 -33.16 -5.23 10.86
N PRO C 54 -32.96 -6.47 10.37
CA PRO C 54 -32.36 -6.74 9.07
C PRO C 54 -33.26 -6.31 7.90
N ILE C 55 -32.87 -5.24 7.20
CA ILE C 55 -33.61 -4.76 6.03
C ILE C 55 -33.17 -5.40 4.71
N GLU C 56 -34.11 -6.02 4.01
CA GLU C 56 -33.84 -6.60 2.69
C GLU C 56 -32.66 -7.57 2.68
N PHE C 57 -32.64 -8.45 3.67
CA PHE C 57 -31.64 -9.50 3.76
C PHE C 57 -31.66 -10.35 2.49
N HIS C 58 -30.49 -10.59 1.92
CA HIS C 58 -30.38 -11.45 0.77
C HIS C 58 -28.98 -12.06 0.70
N TYR C 59 -28.85 -13.15 -0.03
CA TYR C 59 -27.54 -13.71 -0.31
C TYR C 59 -27.10 -13.22 -1.69
N GLU C 60 -25.81 -12.97 -1.85
CA GLU C 60 -25.25 -12.57 -3.14
C GLU C 60 -23.91 -13.26 -3.27
N ASN C 61 -23.83 -14.24 -4.17
CA ASN C 61 -22.78 -15.25 -4.08
C ASN C 61 -22.75 -15.85 -2.66
N THR C 62 -21.58 -15.84 -2.05
CA THR C 62 -21.40 -16.56 -0.79
C THR C 62 -21.44 -15.63 0.39
N ARG C 63 -21.35 -14.33 0.11
CA ARG C 63 -21.48 -13.34 1.17
C ARG C 63 -22.96 -13.14 1.54
N ALA C 64 -23.20 -12.71 2.78
CA ALA C 64 -24.54 -12.36 3.25
C ALA C 64 -24.71 -10.83 3.35
N GLN C 65 -25.78 -10.31 2.77
CA GLN C 65 -25.98 -8.86 2.76
C GLN C 65 -27.39 -8.43 3.22
N PHE C 66 -27.43 -7.35 4.00
CA PHE C 66 -28.67 -6.67 4.35
C PHE C 66 -28.41 -5.17 4.61
N PHE C 67 -29.47 -4.41 4.92
CA PHE C 67 -29.35 -2.96 5.12
C PHE C 67 -29.78 -2.51 6.52
N VAL C 68 -29.31 -1.34 6.93
CA VAL C 68 -29.85 -0.66 8.12
C VAL C 68 -29.65 0.86 8.08
N GLU C 69 -30.36 1.58 8.95
CA GLU C 69 -30.67 2.98 8.71
C GLU C 69 -29.83 4.06 9.41
N ASP C 70 -29.30 3.74 10.58
CA ASP C 70 -28.78 4.78 11.48
C ASP C 70 -27.27 4.74 11.70
N ALA C 71 -26.58 5.83 11.38
CA ALA C 71 -25.12 5.92 11.55
C ALA C 71 -24.69 5.62 12.99
N SER C 72 -25.68 5.32 13.84
CA SER C 72 -25.45 4.83 15.17
C SER C 72 -25.48 3.31 15.11
N THR C 73 -26.67 2.79 14.81
CA THR C 73 -26.90 1.36 14.53
C THR C 73 -25.82 0.73 13.64
N ALA C 74 -25.40 1.43 12.58
CA ALA C 74 -24.30 0.93 11.77
C ALA C 74 -23.06 0.83 12.67
N SER C 75 -22.60 1.97 13.17
CA SER C 75 -21.37 2.05 13.94
C SER C 75 -21.38 1.13 15.16
N ALA C 76 -22.52 0.98 15.81
CA ALA C 76 -22.62 0.09 16.96
C ALA C 76 -22.28 -1.33 16.46
N LEU C 77 -22.74 -1.63 15.25
CA LEU C 77 -22.50 -2.92 14.59
C LEU C 77 -21.02 -3.21 14.34
N LYS C 78 -20.26 -2.17 14.00
CA LYS C 78 -18.85 -2.30 13.66
C LYS C 78 -18.00 -2.90 14.78
N ALA C 79 -18.32 -2.55 16.02
CA ALA C 79 -17.60 -3.05 17.18
C ALA C 79 -17.68 -4.57 17.25
N VAL C 80 -18.82 -5.10 16.83
CA VAL C 80 -19.11 -6.54 16.85
C VAL C 80 -18.17 -7.37 15.96
N ASN C 81 -17.56 -6.75 14.95
CA ASN C 81 -16.71 -7.49 14.02
C ASN C 81 -15.56 -8.23 14.70
N TYR C 82 -15.31 -9.45 14.25
CA TYR C 82 -14.27 -10.29 14.83
C TYR C 82 -14.54 -10.54 16.31
N LYS C 83 -15.81 -10.60 16.68
CA LYS C 83 -16.17 -10.87 18.08
C LYS C 83 -16.91 -12.22 18.21
N ILE C 84 -17.33 -12.76 17.08
CA ILE C 84 -18.02 -14.05 17.06
C ILE C 84 -17.13 -15.13 16.47
N LEU C 85 -16.73 -16.11 17.28
CA LEU C 85 -16.09 -17.31 16.74
C LEU C 85 -17.18 -18.30 16.31
N ASP C 86 -16.85 -19.24 15.44
CA ASP C 86 -17.84 -20.22 14.96
C ASP C 86 -17.39 -21.68 15.18
N ARG C 87 -18.18 -22.63 14.69
CA ARG C 87 -17.87 -24.04 14.89
C ARG C 87 -16.45 -24.39 14.42
N GLU C 88 -16.12 -24.01 13.18
CA GLU C 88 -14.83 -24.34 12.57
C GLU C 88 -13.66 -23.52 13.14
N ASN C 89 -13.92 -22.75 14.19
CA ASN C 89 -12.93 -21.88 14.84
C ASN C 89 -12.42 -20.73 13.97
N ARG C 90 -13.28 -20.25 13.07
CA ARG C 90 -13.04 -19.07 12.27
C ARG C 90 -13.79 -17.90 12.90
N ARG C 91 -13.18 -16.72 12.87
CA ARG C 91 -13.81 -15.48 13.32
C ARG C 91 -14.80 -14.99 12.26
N ILE C 92 -15.75 -14.12 12.61
CA ILE C 92 -16.75 -13.69 11.64
C ILE C 92 -16.67 -12.19 11.36
N SER C 93 -16.50 -11.84 10.09
CA SER C 93 -16.30 -10.45 9.71
C SER C 93 -17.60 -9.76 9.26
N ILE C 94 -17.73 -8.50 9.68
CA ILE C 94 -18.82 -7.61 9.27
C ILE C 94 -18.18 -6.36 8.64
N ILE C 95 -18.68 -5.95 7.48
CA ILE C 95 -18.21 -4.73 6.81
C ILE C 95 -19.38 -3.76 6.69
N ILE C 96 -19.15 -2.50 7.07
CA ILE C 96 -20.21 -1.51 6.95
C ILE C 96 -19.89 -0.54 5.80
N ASN C 97 -20.90 -0.23 4.97
CA ASN C 97 -20.71 0.71 3.86
C ASN C 97 -21.85 1.74 3.70
N SER C 98 -21.53 3.03 3.85
CA SER C 98 -22.50 4.11 3.63
C SER C 98 -23.13 3.96 2.24
N SER C 99 -24.45 3.98 2.17
CA SER C 99 -25.13 3.48 0.98
C SER C 99 -26.25 4.34 0.42
N ALA C 100 -26.36 4.33 -0.90
CA ALA C 100 -27.60 4.70 -1.56
C ALA C 100 -28.68 3.73 -1.09
N PRO C 101 -29.94 4.18 -0.98
CA PRO C 101 -31.01 3.29 -0.51
C PRO C 101 -31.22 2.11 -1.45
N PRO C 102 -31.78 1.00 -0.93
CA PRO C 102 -32.05 -0.18 -1.76
C PRO C 102 -32.87 0.15 -3.00
N HIS C 103 -32.59 -0.53 -4.10
CA HIS C 103 -33.32 -0.32 -5.35
C HIS C 103 -33.17 1.11 -5.88
N GLU C 108 -22.33 -0.45 -11.26
CA GLU C 108 -21.01 -1.05 -11.50
C GLU C 108 -21.14 -2.58 -11.73
N LEU C 109 -20.13 -3.35 -11.30
CA LEU C 109 -20.13 -4.81 -11.53
C LEU C 109 -20.01 -5.65 -10.26
N LYS C 110 -20.90 -6.64 -10.11
CA LYS C 110 -20.84 -7.59 -8.99
C LYS C 110 -19.56 -8.43 -9.08
N PRO C 111 -18.93 -8.68 -7.93
CA PRO C 111 -17.60 -9.32 -7.87
C PRO C 111 -17.56 -10.67 -8.57
N GLU C 112 -18.70 -11.32 -8.70
CA GLU C 112 -18.79 -12.59 -9.41
C GLU C 112 -18.38 -12.40 -10.84
N GLN C 113 -19.03 -11.44 -11.50
CA GLN C 113 -18.87 -11.17 -12.92
C GLN C 113 -17.46 -10.64 -13.24
N VAL C 114 -16.88 -9.90 -12.30
CA VAL C 114 -15.53 -9.41 -12.46
C VAL C 114 -14.57 -10.59 -12.57
N GLU C 115 -14.69 -11.51 -11.63
CA GLU C 115 -13.82 -12.68 -11.59
C GLU C 115 -14.05 -13.58 -12.82
N GLN C 116 -15.31 -13.75 -13.24
CA GLN C 116 -15.66 -14.48 -14.46
C GLN C 116 -14.95 -13.88 -15.67
N LEU C 117 -15.09 -12.57 -15.80
CA LEU C 117 -14.39 -11.76 -16.80
C LEU C 117 -12.86 -11.84 -16.69
N LYS C 118 -12.33 -11.60 -15.49
CA LYS C 118 -10.90 -11.80 -15.25
C LYS C 118 -10.37 -13.15 -15.83
N LEU C 119 -11.12 -14.23 -15.57
CA LEU C 119 -10.79 -15.58 -16.03
C LEU C 119 -10.77 -15.72 -17.55
N ILE C 120 -11.86 -15.28 -18.16
CA ILE C 120 -11.93 -15.16 -19.62
C ILE C 120 -10.69 -14.50 -20.24
N MET C 121 -10.26 -13.38 -19.64
CA MET C 121 -9.15 -12.62 -20.19
C MET C 121 -7.85 -13.36 -20.11
N SER C 122 -7.63 -14.13 -19.05
CA SER C 122 -6.40 -14.90 -18.93
C SER C 122 -6.34 -15.93 -20.04
N LYS C 123 -7.53 -16.40 -20.42
CA LYS C 123 -7.66 -17.39 -21.48
C LYS C 123 -7.32 -16.79 -22.85
N ARG C 124 -7.37 -15.46 -22.95
CA ARG C 124 -7.07 -14.78 -24.20
C ARG C 124 -5.74 -13.99 -24.14
N TYR C 125 -4.99 -14.20 -23.07
CA TYR C 125 -3.71 -13.55 -22.97
C TYR C 125 -2.56 -14.45 -23.44
N ASP C 126 -1.91 -14.04 -24.53
CA ASP C 126 -0.69 -14.66 -24.98
C ASP C 126 0.49 -13.95 -24.31
N GLY C 127 1.23 -14.68 -23.49
CA GLY C 127 2.31 -14.08 -22.74
C GLY C 127 3.63 -14.02 -23.48
N SER C 128 3.80 -14.89 -24.45
CA SER C 128 5.02 -14.85 -25.26
C SER C 128 5.09 -13.51 -25.96
N GLN C 129 3.92 -13.09 -26.43
CA GLN C 129 3.78 -11.85 -27.18
C GLN C 129 3.30 -10.68 -26.31
N GLN C 130 2.87 -10.97 -25.08
CA GLN C 130 2.24 -9.96 -24.21
C GLN C 130 1.06 -9.30 -24.92
N ALA C 131 0.11 -10.13 -25.31
CA ALA C 131 -0.99 -9.67 -26.13
C ALA C 131 -2.33 -10.08 -25.54
N LEU C 132 -3.20 -9.11 -25.37
CA LEU C 132 -4.54 -9.40 -24.92
C LEU C 132 -5.48 -9.29 -26.12
N ASP C 133 -6.46 -10.19 -26.19
CA ASP C 133 -7.30 -10.30 -27.37
C ASP C 133 -8.78 -10.37 -27.01
N LEU C 134 -9.42 -9.21 -26.91
CA LEU C 134 -10.81 -9.17 -26.54
C LEU C 134 -11.68 -8.96 -27.77
N LYS C 135 -11.35 -9.67 -28.85
CA LYS C 135 -12.06 -9.52 -30.12
C LYS C 135 -13.51 -10.02 -30.06
N GLY C 136 -14.47 -9.11 -30.25
CA GLY C 136 -15.89 -9.45 -30.21
C GLY C 136 -16.36 -10.41 -29.13
N LEU C 137 -16.30 -9.99 -27.87
CA LEU C 137 -16.71 -10.82 -26.75
C LEU C 137 -18.15 -11.34 -26.79
N ARG C 138 -19.12 -10.43 -26.91
CA ARG C 138 -20.55 -10.79 -26.84
C ARG C 138 -20.99 -11.95 -27.74
N SER C 139 -20.28 -12.14 -28.85
CA SER C 139 -20.62 -13.17 -29.81
C SER C 139 -19.45 -14.12 -30.06
N ASP C 140 -18.83 -14.60 -28.98
CA ASP C 140 -17.74 -15.58 -29.11
C ASP C 140 -17.97 -16.86 -28.26
N PRO C 141 -17.46 -18.01 -28.76
CA PRO C 141 -17.97 -19.38 -28.51
C PRO C 141 -18.53 -19.64 -27.11
N ASP C 142 -17.66 -19.61 -26.10
CA ASP C 142 -18.09 -19.92 -24.75
C ASP C 142 -18.91 -18.79 -24.15
N LEU C 143 -18.51 -17.56 -24.44
CA LEU C 143 -19.10 -16.40 -23.76
C LEU C 143 -20.63 -16.37 -23.93
N VAL C 144 -21.11 -16.70 -25.13
CA VAL C 144 -22.54 -16.82 -25.38
C VAL C 144 -23.11 -17.95 -24.50
N ALA C 145 -22.44 -19.09 -24.51
CA ALA C 145 -22.88 -20.24 -23.72
C ALA C 145 -22.91 -19.94 -22.21
N GLN C 146 -21.97 -19.13 -21.74
CA GLN C 146 -21.83 -18.78 -20.32
C GLN C 146 -23.01 -18.04 -19.66
N ASN C 147 -23.61 -17.09 -20.37
CA ASN C 147 -24.75 -16.35 -19.83
C ASN C 147 -24.44 -15.06 -19.05
N ILE C 148 -23.18 -14.65 -18.99
CA ILE C 148 -22.78 -13.41 -18.34
C ILE C 148 -22.51 -12.48 -19.52
N ASP C 149 -23.03 -11.26 -19.54
CA ASP C 149 -22.85 -10.49 -20.77
C ASP C 149 -21.68 -9.51 -20.73
N VAL C 150 -20.71 -9.69 -21.61
CA VAL C 150 -19.56 -8.79 -21.64
C VAL C 150 -19.81 -7.60 -22.57
N VAL C 151 -20.42 -6.55 -22.03
CA VAL C 151 -20.73 -5.35 -22.82
C VAL C 151 -19.63 -4.29 -22.70
N LEU C 152 -18.57 -4.45 -23.51
CA LEU C 152 -17.40 -3.58 -23.45
C LEU C 152 -17.67 -2.09 -23.73
N ASN C 153 -18.81 -1.80 -24.35
CA ASN C 153 -19.19 -0.44 -24.65
C ASN C 153 -20.00 0.16 -23.51
N ARG C 154 -20.22 -0.65 -22.47
CA ARG C 154 -20.77 -0.12 -21.23
C ARG C 154 -19.63 0.32 -20.31
N ARG C 155 -19.77 1.51 -19.73
CA ARG C 155 -18.65 2.16 -19.04
C ARG C 155 -18.12 1.38 -17.84
N SER C 156 -19.04 0.91 -16.99
CA SER C 156 -18.71 0.09 -15.82
C SER C 156 -17.92 -1.17 -16.20
N CYS C 157 -18.40 -1.90 -17.19
CA CYS C 157 -17.71 -3.06 -17.73
C CYS C 157 -16.29 -2.72 -18.19
N MET C 158 -16.17 -1.66 -19.00
CA MET C 158 -14.88 -1.24 -19.58
C MET C 158 -13.90 -0.86 -18.47
N ALA C 159 -14.43 -0.24 -17.43
CA ALA C 159 -13.67 0.12 -16.23
C ALA C 159 -13.03 -1.10 -15.59
N ALA C 160 -13.90 -2.05 -15.24
CA ALA C 160 -13.55 -3.36 -14.70
C ALA C 160 -12.44 -4.03 -15.49
N THR C 161 -12.68 -4.19 -16.79
CA THR C 161 -11.68 -4.73 -17.70
C THR C 161 -10.32 -4.07 -17.48
N LEU C 162 -10.29 -2.75 -17.60
CA LEU C 162 -9.03 -2.01 -17.50
C LEU C 162 -8.31 -2.26 -16.17
N ARG C 163 -9.11 -2.39 -15.10
CA ARG C 163 -8.61 -2.66 -13.76
C ARG C 163 -7.87 -3.99 -13.71
N ILE C 164 -8.49 -5.01 -14.33
CA ILE C 164 -7.85 -6.32 -14.51
C ILE C 164 -6.51 -6.19 -15.27
N ILE C 165 -6.46 -5.35 -16.30
CA ILE C 165 -5.22 -5.14 -17.03
C ILE C 165 -4.20 -4.54 -16.10
N GLU C 166 -4.61 -3.46 -15.43
CA GLU C 166 -3.76 -2.74 -14.50
C GLU C 166 -3.14 -3.74 -13.51
N GLU C 167 -4.03 -4.41 -12.77
CA GLU C 167 -3.68 -5.39 -11.74
C GLU C 167 -2.82 -6.59 -12.21
N ASN C 168 -3.12 -7.14 -13.39
CA ASN C 168 -2.60 -8.46 -13.77
C ASN C 168 -1.61 -8.51 -14.91
N ILE C 169 -1.72 -7.57 -15.85
CA ILE C 169 -0.78 -7.51 -16.99
C ILE C 169 -0.31 -6.10 -17.31
N PRO C 170 0.44 -5.49 -16.40
CA PRO C 170 1.03 -4.17 -16.58
C PRO C 170 1.79 -4.06 -17.92
N GLU C 171 2.55 -5.10 -18.22
CA GLU C 171 3.45 -5.11 -19.36
C GLU C 171 2.76 -5.50 -20.68
N LEU C 172 1.45 -5.29 -20.73
CA LEU C 172 0.69 -5.53 -21.96
C LEU C 172 1.21 -4.62 -23.08
N LEU C 173 1.57 -5.24 -24.22
CA LEU C 173 2.04 -4.52 -25.41
C LEU C 173 0.98 -4.43 -26.52
N SER C 174 0.20 -5.48 -26.71
CA SER C 174 -0.81 -5.47 -27.76
C SER C 174 -2.21 -5.76 -27.25
N LEU C 175 -3.17 -4.99 -27.72
CA LEU C 175 -4.53 -5.19 -27.31
C LEU C 175 -5.49 -5.06 -28.51
N ASN C 176 -6.44 -5.97 -28.59
CA ASN C 176 -7.37 -6.05 -29.69
C ASN C 176 -8.77 -5.84 -29.17
N LEU C 177 -9.39 -4.71 -29.50
CA LEU C 177 -10.79 -4.51 -29.15
C LEU C 177 -11.69 -4.48 -30.38
N SER C 178 -11.39 -5.35 -31.35
CA SER C 178 -12.21 -5.43 -32.55
C SER C 178 -13.67 -5.84 -32.29
N ASN C 179 -14.57 -5.18 -33.01
CA ASN C 179 -15.96 -5.64 -33.16
C ASN C 179 -16.71 -5.68 -31.85
N ASN C 180 -16.42 -4.73 -30.97
CA ASN C 180 -17.16 -4.69 -29.71
C ASN C 180 -18.21 -3.60 -29.64
N ARG C 181 -18.50 -3.00 -30.80
CA ARG C 181 -19.51 -1.94 -30.89
C ARG C 181 -19.14 -0.79 -29.96
N LEU C 182 -17.87 -0.40 -29.96
CA LEU C 182 -17.41 0.74 -29.18
C LEU C 182 -17.80 2.05 -29.85
N TYR C 183 -18.06 3.07 -29.06
CA TYR C 183 -18.47 4.33 -29.64
C TYR C 183 -18.02 5.53 -28.80
N ARG C 184 -17.46 5.25 -27.63
CA ARG C 184 -17.04 6.31 -26.72
C ARG C 184 -15.71 5.96 -26.08
N LEU C 185 -14.62 6.45 -26.64
CA LEU C 185 -13.31 6.11 -26.09
C LEU C 185 -12.97 6.82 -24.76
N ASP C 186 -13.89 7.61 -24.23
CA ASP C 186 -13.65 8.25 -22.93
C ASP C 186 -13.62 7.19 -21.83
N ASP C 187 -14.26 6.06 -22.11
CA ASP C 187 -14.34 4.97 -21.16
C ASP C 187 -12.99 4.27 -21.03
N MET C 188 -12.07 4.54 -21.96
CA MET C 188 -10.72 4.00 -21.84
C MET C 188 -9.59 5.02 -21.65
N SER C 189 -9.92 6.27 -21.36
CA SER C 189 -8.89 7.31 -21.26
C SER C 189 -7.83 6.96 -20.20
N SER C 190 -8.27 6.28 -19.18
CA SER C 190 -7.39 5.80 -18.10
C SER C 190 -6.32 4.84 -18.60
N ILE C 191 -6.48 4.33 -19.83
CA ILE C 191 -5.61 3.25 -20.30
C ILE C 191 -4.15 3.66 -20.48
N VAL C 192 -3.90 4.95 -20.67
CA VAL C 192 -2.53 5.42 -20.76
C VAL C 192 -1.83 5.13 -19.45
N GLN C 193 -2.57 5.32 -18.38
CA GLN C 193 -2.06 5.09 -17.05
C GLN C 193 -1.79 3.60 -16.83
N LYS C 194 -2.76 2.78 -17.25
CA LYS C 194 -2.79 1.37 -16.91
C LYS C 194 -1.99 0.43 -17.83
N ALA C 195 -1.91 0.78 -19.12
CA ALA C 195 -1.07 0.05 -20.09
C ALA C 195 0.06 0.95 -20.56
N PRO C 196 1.05 1.21 -19.68
CA PRO C 196 2.10 2.18 -19.97
C PRO C 196 2.68 1.94 -21.34
N ASN C 197 3.18 0.72 -21.52
CA ASN C 197 3.91 0.35 -22.72
C ASN C 197 3.09 -0.29 -23.84
N LEU C 198 1.76 -0.23 -23.76
CA LEU C 198 0.94 -0.66 -24.88
C LEU C 198 1.47 -0.03 -26.18
N LYS C 199 1.80 -0.89 -27.15
CA LYS C 199 2.36 -0.47 -28.45
C LYS C 199 1.43 -0.76 -29.66
N ILE C 200 0.61 -1.81 -29.56
CA ILE C 200 -0.27 -2.19 -30.65
C ILE C 200 -1.72 -2.15 -30.20
N LEU C 201 -2.58 -1.56 -31.02
CA LEU C 201 -3.98 -1.45 -30.63
C LEU C 201 -4.88 -1.65 -31.82
N ASN C 202 -5.87 -2.53 -31.66
CA ASN C 202 -6.73 -2.88 -32.75
C ASN C 202 -8.16 -2.48 -32.43
N LEU C 203 -8.58 -1.34 -32.97
CA LEU C 203 -9.88 -0.79 -32.65
C LEU C 203 -10.89 -0.97 -33.79
N SER C 204 -10.53 -1.84 -34.74
CA SER C 204 -11.30 -2.00 -35.98
C SER C 204 -12.70 -2.59 -35.78
N GLY C 205 -13.57 -2.41 -36.76
CA GLY C 205 -14.86 -3.04 -36.76
C GLY C 205 -15.74 -2.51 -35.66
N ASN C 206 -15.57 -1.24 -35.33
CA ASN C 206 -16.39 -0.65 -34.26
C ASN C 206 -17.36 0.39 -34.77
N GLU C 207 -17.71 1.35 -33.89
CA GLU C 207 -18.70 2.36 -34.23
C GLU C 207 -18.23 3.72 -33.76
N LEU C 208 -16.96 3.98 -34.03
CA LEU C 208 -16.37 5.25 -33.72
C LEU C 208 -16.67 6.23 -34.84
N LYS C 209 -17.55 7.21 -34.54
CA LYS C 209 -18.09 8.15 -35.53
C LYS C 209 -17.09 9.20 -35.99
N SER C 210 -16.20 9.62 -35.08
CA SER C 210 -15.31 10.75 -35.37
C SER C 210 -13.89 10.59 -34.81
N GLU C 211 -12.91 11.09 -35.57
CA GLU C 211 -11.53 11.13 -35.10
C GLU C 211 -11.38 11.79 -33.72
N ARG C 212 -12.37 12.60 -33.32
CA ARG C 212 -12.33 13.26 -32.01
C ARG C 212 -12.22 12.26 -30.85
N GLU C 213 -12.48 10.98 -31.13
CA GLU C 213 -12.37 9.95 -30.09
C GLU C 213 -10.93 9.59 -29.83
N LEU C 214 -10.06 9.78 -30.82
CA LEU C 214 -8.67 9.36 -30.70
C LEU C 214 -7.79 10.14 -29.71
N ASP C 215 -8.25 11.30 -29.27
CA ASP C 215 -7.42 12.10 -28.34
C ASP C 215 -7.67 11.67 -26.91
N LYS C 216 -8.80 10.98 -26.73
CA LYS C 216 -9.09 10.29 -25.49
C LYS C 216 -7.97 9.31 -25.14
N ILE C 217 -7.20 8.90 -26.15
CA ILE C 217 -6.14 7.93 -25.95
C ILE C 217 -4.82 8.34 -26.59
N LYS C 218 -4.62 9.66 -26.74
CA LYS C 218 -3.45 10.22 -27.43
C LYS C 218 -2.13 9.86 -26.75
N GLY C 219 -2.17 9.67 -25.42
CA GLY C 219 -0.97 9.41 -24.65
C GLY C 219 -0.25 8.09 -24.94
N LEU C 220 -0.88 7.21 -25.71
CA LEU C 220 -0.26 5.92 -26.03
C LEU C 220 0.83 6.02 -27.08
N LYS C 221 2.04 5.61 -26.71
CA LYS C 221 3.18 5.52 -27.63
C LYS C 221 3.03 4.36 -28.62
N LEU C 222 1.99 4.41 -29.44
CA LEU C 222 1.67 3.34 -30.40
C LEU C 222 2.64 3.22 -31.60
N GLU C 223 2.77 2.01 -32.11
CA GLU C 223 3.49 1.75 -33.35
C GLU C 223 2.52 1.21 -34.38
N GLU C 224 1.68 0.28 -33.95
CA GLU C 224 0.68 -0.30 -34.84
C GLU C 224 -0.74 0.11 -34.45
N LEU C 225 -1.58 0.41 -35.45
CA LEU C 225 -2.96 0.78 -35.19
C LEU C 225 -3.90 0.26 -36.29
N TRP C 226 -5.11 -0.11 -35.88
CA TRP C 226 -6.19 -0.54 -36.76
C TRP C 226 -7.43 0.31 -36.48
N LEU C 227 -8.10 0.76 -37.55
CA LEU C 227 -9.30 1.57 -37.37
C LEU C 227 -10.40 1.18 -38.34
N ASP C 228 -10.06 0.49 -39.41
CA ASP C 228 -11.02 0.31 -40.50
C ASP C 228 -12.25 -0.45 -40.04
N GLY C 229 -13.42 0.12 -40.29
CA GLY C 229 -14.66 -0.52 -39.88
C GLY C 229 -15.44 0.41 -38.98
N ASN C 230 -14.89 1.62 -38.83
CA ASN C 230 -15.49 2.71 -38.09
C ASN C 230 -15.96 3.83 -39.05
N SER C 231 -17.07 4.49 -38.70
CA SER C 231 -17.58 5.64 -39.45
C SER C 231 -16.54 6.74 -39.68
N LEU C 232 -15.65 6.94 -38.72
CA LEU C 232 -14.68 8.02 -38.80
C LEU C 232 -13.74 7.82 -40.00
N CYS C 233 -13.80 6.65 -40.63
CA CYS C 233 -12.89 6.36 -41.75
C CYS C 233 -13.30 6.96 -43.10
N ASP C 234 -14.61 7.05 -43.37
CA ASP C 234 -15.04 7.68 -44.61
C ASP C 234 -15.29 9.19 -44.42
N THR C 235 -14.84 9.72 -43.30
CA THR C 235 -14.71 11.17 -43.11
C THR C 235 -13.58 11.67 -44.00
N PHE C 236 -12.60 10.80 -44.24
CA PHE C 236 -11.51 11.11 -45.15
C PHE C 236 -11.75 10.50 -46.55
N ARG C 237 -11.32 11.23 -47.58
CA ARG C 237 -11.53 10.85 -48.98
C ARG C 237 -10.30 10.16 -49.56
N ASP C 238 -9.21 10.26 -48.82
CA ASP C 238 -7.85 10.25 -49.35
C ASP C 238 -6.88 9.73 -48.30
N GLN C 239 -6.32 8.56 -48.55
CA GLN C 239 -5.42 7.92 -47.58
C GLN C 239 -4.30 8.80 -47.01
N SER C 240 -3.87 9.84 -47.72
CA SER C 240 -2.70 10.64 -47.30
C SER C 240 -2.99 11.55 -46.11
N THR C 241 -4.28 11.77 -45.88
CA THR C 241 -4.79 12.81 -44.98
C THR C 241 -5.25 12.16 -43.69
N TYR C 242 -6.10 11.15 -43.87
CA TYR C 242 -6.36 10.10 -42.91
C TYR C 242 -5.11 9.83 -42.05
N ILE C 243 -4.06 9.35 -42.70
CA ILE C 243 -2.78 9.05 -42.05
C ILE C 243 -2.14 10.24 -41.32
N SER C 244 -2.27 11.43 -41.91
CA SER C 244 -1.65 12.61 -41.33
C SER C 244 -2.35 12.94 -40.00
N ALA C 245 -3.68 12.85 -40.03
CA ALA C 245 -4.54 13.02 -38.84
C ALA C 245 -4.21 12.01 -37.73
N ILE C 246 -4.27 10.73 -38.08
CA ILE C 246 -3.89 9.68 -37.15
C ILE C 246 -2.52 10.00 -36.57
N ARG C 247 -1.55 10.26 -37.46
CA ARG C 247 -0.17 10.47 -37.04
C ARG C 247 -0.05 11.62 -36.04
N GLU C 248 -1.01 12.55 -36.12
CA GLU C 248 -0.97 13.74 -35.28
C GLU C 248 -1.34 13.41 -33.84
N ARG C 249 -2.11 12.33 -33.66
CA ARG C 249 -2.33 11.77 -32.32
C ARG C 249 -1.23 10.77 -31.91
N PHE C 250 -0.81 9.94 -32.85
CA PHE C 250 0.34 9.03 -32.63
C PHE C 250 1.44 9.27 -33.64
N PRO C 251 2.44 10.07 -33.23
CA PRO C 251 3.57 10.49 -34.07
C PRO C 251 4.36 9.32 -34.66
N LYS C 252 4.99 8.53 -33.78
CA LYS C 252 5.87 7.45 -34.17
C LYS C 252 5.13 6.17 -34.63
N LEU C 253 3.97 6.36 -35.25
CA LEU C 253 3.20 5.25 -35.81
C LEU C 253 3.89 4.64 -37.03
N LEU C 254 3.95 3.31 -37.08
CA LEU C 254 4.62 2.60 -38.17
C LEU C 254 3.67 1.83 -39.08
N ARG C 255 2.69 1.15 -38.49
CA ARG C 255 1.71 0.39 -39.28
C ARG C 255 0.32 0.97 -39.07
N LEU C 256 -0.51 0.97 -40.11
CA LEU C 256 -1.91 1.36 -39.98
C LEU C 256 -2.85 0.44 -40.77
N ASP C 257 -3.75 -0.24 -40.05
CA ASP C 257 -4.67 -1.22 -40.64
C ASP C 257 -3.93 -2.34 -41.35
N GLY C 258 -2.77 -2.71 -40.80
CA GLY C 258 -2.00 -3.83 -41.31
C GLY C 258 -1.40 -3.59 -42.68
N HIS C 259 -1.43 -2.33 -43.12
CA HIS C 259 -0.66 -1.88 -44.27
C HIS C 259 0.42 -0.99 -43.65
N GLU C 260 1.60 -0.86 -44.26
CA GLU C 260 2.71 -0.23 -43.54
C GLU C 260 3.12 1.13 -44.11
N LEU C 261 3.51 2.03 -43.23
CA LEU C 261 3.57 3.45 -43.56
C LEU C 261 4.91 3.95 -44.08
N PRO C 262 4.86 5.01 -44.90
CA PRO C 262 5.96 5.96 -45.19
C PRO C 262 6.54 6.45 -43.86
N PRO C 263 7.86 6.69 -43.80
CA PRO C 263 8.38 7.29 -42.55
C PRO C 263 7.75 8.67 -42.30
N PRO C 264 7.87 9.19 -41.07
CA PRO C 264 7.38 10.56 -40.90
C PRO C 264 8.23 11.53 -41.72
N ILE C 265 7.70 12.70 -42.04
CA ILE C 265 8.58 13.80 -42.42
C ILE C 265 8.57 14.78 -41.25
N ALA C 266 9.71 14.97 -40.62
CA ALA C 266 9.77 16.01 -39.61
C ALA C 266 10.30 17.25 -40.29
N PHE C 267 9.75 18.37 -39.86
CA PHE C 267 10.31 19.67 -40.21
C PHE C 267 10.99 20.20 -38.95
N LEU D 109 -28.57 11.63 -15.89
CA LEU D 109 -27.43 11.35 -16.78
C LEU D 109 -27.42 12.28 -18.02
N LYS D 110 -28.52 13.02 -18.20
CA LYS D 110 -28.93 13.74 -19.45
C LYS D 110 -27.97 14.72 -20.13
N PRO D 111 -28.41 15.29 -21.29
CA PRO D 111 -27.93 16.51 -21.94
C PRO D 111 -27.93 17.71 -21.00
N GLU D 112 -28.73 18.72 -21.30
CA GLU D 112 -28.73 19.94 -20.49
C GLU D 112 -28.66 19.74 -18.96
N GLN D 113 -28.94 18.52 -18.49
CA GLN D 113 -28.61 18.13 -17.12
C GLN D 113 -27.17 18.62 -16.87
N VAL D 114 -26.33 18.42 -17.87
CA VAL D 114 -24.92 18.81 -17.86
C VAL D 114 -24.67 20.32 -17.99
N GLU D 115 -25.41 21.01 -18.84
CA GLU D 115 -25.13 22.44 -19.07
C GLU D 115 -25.16 23.26 -17.77
N GLN D 116 -26.16 23.00 -16.92
CA GLN D 116 -26.19 23.67 -15.62
C GLN D 116 -24.91 23.33 -14.85
N LEU D 117 -24.65 22.04 -14.70
CA LEU D 117 -23.39 21.58 -14.15
C LEU D 117 -22.17 22.31 -14.73
N LYS D 118 -22.11 22.43 -16.05
CA LYS D 118 -21.01 23.14 -16.72
C LYS D 118 -21.06 24.62 -16.36
N LEU D 119 -22.26 25.18 -16.35
CA LEU D 119 -22.50 26.54 -15.91
C LEU D 119 -22.12 26.71 -14.45
N ILE D 120 -22.59 25.78 -13.62
CA ILE D 120 -22.28 25.76 -12.19
C ILE D 120 -20.75 25.75 -11.96
N MET D 121 -20.05 24.99 -12.80
CA MET D 121 -18.59 24.89 -12.69
C MET D 121 -17.91 26.17 -13.12
N SER D 122 -18.46 26.82 -14.13
CA SER D 122 -17.93 28.09 -14.65
C SER D 122 -17.92 29.15 -13.55
N LYS D 123 -18.98 29.18 -12.73
CA LYS D 123 -19.03 30.17 -11.66
C LYS D 123 -18.28 29.74 -10.39
N ARG D 124 -17.50 28.67 -10.49
CA ARG D 124 -16.64 28.27 -9.40
C ARG D 124 -15.21 28.21 -9.87
N TYR D 125 -14.99 28.78 -11.06
CA TYR D 125 -13.65 28.87 -11.60
C TYR D 125 -13.09 30.28 -11.38
N ASP D 126 -11.88 30.33 -10.82
CA ASP D 126 -11.14 31.56 -10.62
C ASP D 126 -10.07 31.65 -11.71
N GLY D 127 -10.37 32.36 -12.80
CA GLY D 127 -9.41 32.60 -13.86
C GLY D 127 -8.08 33.17 -13.35
N SER D 128 -8.12 33.91 -12.25
CA SER D 128 -6.91 34.54 -11.70
C SER D 128 -5.87 33.53 -11.18
N GLN D 129 -6.32 32.36 -10.72
CA GLN D 129 -5.37 31.32 -10.33
C GLN D 129 -5.61 29.98 -11.02
N GLN D 130 -6.46 30.00 -12.06
CA GLN D 130 -6.81 28.78 -12.79
C GLN D 130 -7.18 27.68 -11.79
N ALA D 131 -8.29 27.92 -11.10
CA ALA D 131 -8.68 27.13 -9.94
C ALA D 131 -10.17 26.81 -9.95
N LEU D 132 -10.49 25.57 -9.60
CA LEU D 132 -11.84 25.10 -9.61
C LEU D 132 -12.15 24.60 -8.22
N ASP D 133 -13.22 25.15 -7.64
CA ASP D 133 -13.63 24.75 -6.30
C ASP D 133 -14.91 23.92 -6.36
N LEU D 134 -14.78 22.62 -6.18
CA LEU D 134 -15.97 21.80 -6.23
C LEU D 134 -16.24 21.20 -4.86
N LYS D 135 -15.88 21.94 -3.81
CA LYS D 135 -16.11 21.48 -2.43
C LYS D 135 -17.60 21.32 -2.10
N GLY D 136 -17.96 20.20 -1.47
CA GLY D 136 -19.34 19.95 -1.04
C GLY D 136 -20.38 20.22 -2.11
N LEU D 137 -20.02 19.93 -3.34
CA LEU D 137 -20.79 20.32 -4.52
C LEU D 137 -22.26 19.96 -4.48
N ARG D 138 -22.62 18.92 -3.72
CA ARG D 138 -24.00 18.48 -3.63
C ARG D 138 -24.90 19.54 -3.03
N SER D 139 -24.42 20.20 -1.98
CA SER D 139 -25.17 21.26 -1.32
C SER D 139 -24.92 22.60 -2.02
N ASP D 140 -25.49 22.76 -3.22
CA ASP D 140 -25.29 23.98 -3.98
C ASP D 140 -26.61 24.69 -4.34
N PRO D 141 -26.64 25.99 -4.08
CA PRO D 141 -27.80 26.82 -4.43
C PRO D 141 -28.51 26.36 -5.71
N ASP D 142 -27.84 26.54 -6.86
CA ASP D 142 -28.42 26.43 -8.21
C ASP D 142 -28.75 25.03 -8.76
N LEU D 143 -28.41 23.96 -8.03
CA LEU D 143 -28.77 22.59 -8.45
C LEU D 143 -29.78 22.03 -7.49
N VAL D 144 -29.67 22.47 -6.24
CA VAL D 144 -30.75 22.43 -5.25
C VAL D 144 -31.98 23.09 -5.88
N ALA D 145 -31.75 24.30 -6.38
CA ALA D 145 -32.76 25.14 -7.00
C ALA D 145 -33.59 24.45 -8.09
N GLN D 146 -32.96 23.59 -8.89
CA GLN D 146 -33.65 22.94 -10.02
C GLN D 146 -33.81 21.42 -9.83
N ASN D 147 -33.62 20.96 -8.59
CA ASN D 147 -33.52 19.53 -8.27
C ASN D 147 -32.57 18.81 -9.23
N ILE D 148 -31.32 19.28 -9.27
CA ILE D 148 -30.24 18.56 -9.96
C ILE D 148 -29.35 17.85 -8.94
N ASP D 149 -29.25 16.53 -9.08
CA ASP D 149 -28.43 15.74 -8.15
C ASP D 149 -27.00 15.60 -8.64
N VAL D 150 -26.09 16.27 -7.94
CA VAL D 150 -24.70 16.41 -8.37
C VAL D 150 -23.77 15.56 -7.52
N VAL D 151 -23.71 14.28 -7.85
CA VAL D 151 -23.11 13.29 -6.99
C VAL D 151 -21.77 12.78 -7.52
N LEU D 152 -20.69 13.49 -7.21
CA LEU D 152 -19.39 13.11 -7.74
C LEU D 152 -18.88 11.68 -7.40
N ASN D 153 -19.48 10.98 -6.43
CA ASN D 153 -19.01 9.61 -6.15
C ASN D 153 -19.67 8.57 -7.05
N ARG D 154 -20.53 9.07 -7.93
CA ARG D 154 -21.12 8.29 -8.99
C ARG D 154 -20.19 8.30 -10.21
N ARG D 155 -19.91 7.15 -10.81
CA ARG D 155 -18.91 7.04 -11.88
C ARG D 155 -19.29 7.90 -13.09
N SER D 156 -20.57 7.90 -13.41
CA SER D 156 -21.14 8.69 -14.50
C SER D 156 -20.88 10.20 -14.39
N CYS D 157 -21.29 10.80 -13.26
CA CYS D 157 -21.19 12.24 -12.99
C CYS D 157 -19.75 12.77 -12.87
N MET D 158 -18.89 11.98 -12.24
CA MET D 158 -17.50 12.34 -12.07
C MET D 158 -16.81 12.49 -13.42
N ALA D 159 -17.06 11.52 -14.30
CA ALA D 159 -16.52 11.58 -15.66
C ALA D 159 -17.11 12.73 -16.48
N ALA D 160 -18.40 13.01 -16.33
CA ALA D 160 -19.01 14.15 -17.02
C ALA D 160 -18.23 15.43 -16.70
N THR D 161 -18.01 15.65 -15.41
CA THR D 161 -17.24 16.78 -14.90
C THR D 161 -15.84 16.87 -15.51
N LEU D 162 -15.10 15.77 -15.44
CA LEU D 162 -13.75 15.68 -15.99
C LEU D 162 -13.72 16.03 -17.48
N ARG D 163 -14.77 15.63 -18.19
CA ARG D 163 -14.98 15.96 -19.60
C ARG D 163 -15.00 17.49 -19.77
N ILE D 164 -15.90 18.16 -19.03
CA ILE D 164 -16.02 19.61 -19.00
C ILE D 164 -14.68 20.31 -18.72
N ILE D 165 -13.86 19.72 -17.86
CA ILE D 165 -12.56 20.31 -17.53
C ILE D 165 -11.68 20.32 -18.76
N GLU D 166 -11.58 19.16 -19.39
CA GLU D 166 -10.66 18.89 -20.50
C GLU D 166 -10.82 19.84 -21.69
N GLU D 167 -12.06 20.21 -22.00
CA GLU D 167 -12.34 21.04 -23.16
C GLU D 167 -12.60 22.53 -22.85
N ASN D 168 -12.50 22.90 -21.57
CA ASN D 168 -12.81 24.26 -21.16
C ASN D 168 -11.73 24.89 -20.31
N ILE D 169 -11.01 24.06 -19.55
CA ILE D 169 -9.94 24.58 -18.68
C ILE D 169 -8.74 23.65 -18.55
N PRO D 170 -8.13 23.27 -19.68
CA PRO D 170 -6.93 22.40 -19.71
C PRO D 170 -5.77 22.91 -18.84
N GLU D 171 -5.62 24.23 -18.79
CA GLU D 171 -4.58 24.88 -18.00
C GLU D 171 -4.93 24.88 -16.51
N LEU D 172 -5.95 24.11 -16.14
CA LEU D 172 -6.35 23.96 -14.75
C LEU D 172 -5.19 23.64 -13.83
N LEU D 173 -5.09 24.41 -12.76
CA LEU D 173 -3.93 24.42 -11.88
C LEU D 173 -4.29 23.87 -10.49
N SER D 174 -5.45 24.31 -9.99
CA SER D 174 -5.90 23.87 -8.68
C SER D 174 -7.31 23.28 -8.72
N LEU D 175 -7.47 22.13 -8.06
CA LEU D 175 -8.76 21.50 -7.94
C LEU D 175 -9.13 21.20 -6.48
N ASN D 176 -10.34 21.59 -6.09
CA ASN D 176 -10.88 21.27 -4.77
C ASN D 176 -12.06 20.32 -4.85
N LEU D 177 -11.88 19.10 -4.34
CA LEU D 177 -12.96 18.12 -4.35
C LEU D 177 -13.39 17.61 -2.96
N SER D 178 -13.03 18.35 -1.91
CA SER D 178 -13.36 17.95 -0.53
C SER D 178 -14.86 17.90 -0.22
N ASN D 179 -15.19 17.17 0.86
CA ASN D 179 -16.57 16.90 1.26
C ASN D 179 -17.47 16.59 0.10
N ASN D 180 -17.21 15.43 -0.52
CA ASN D 180 -17.99 14.95 -1.65
C ASN D 180 -18.28 13.46 -1.56
N ARG D 181 -17.90 12.88 -0.41
CA ARG D 181 -18.09 11.46 -0.14
C ARG D 181 -17.50 10.62 -1.25
N LEU D 182 -16.31 11.00 -1.71
CA LEU D 182 -15.56 10.21 -2.68
C LEU D 182 -14.90 9.04 -1.97
N TYR D 183 -15.06 7.84 -2.54
CA TYR D 183 -14.54 6.62 -1.93
C TYR D 183 -13.72 5.78 -2.91
N ARG D 184 -13.90 6.03 -4.21
CA ARG D 184 -13.22 5.28 -5.27
C ARG D 184 -12.58 6.20 -6.31
N LEU D 185 -11.29 6.49 -6.17
CA LEU D 185 -10.57 7.39 -7.10
C LEU D 185 -10.40 6.86 -8.54
N ASP D 186 -10.64 5.57 -8.77
CA ASP D 186 -10.53 5.01 -10.11
C ASP D 186 -11.48 5.71 -11.08
N ASP D 187 -12.38 6.53 -10.56
CA ASP D 187 -13.31 7.27 -11.42
C ASP D 187 -12.64 8.49 -12.09
N MET D 188 -11.54 8.96 -11.52
CA MET D 188 -10.84 10.11 -12.10
C MET D 188 -9.39 9.81 -12.53
N SER D 189 -9.07 8.54 -12.79
CA SER D 189 -7.69 8.21 -13.18
C SER D 189 -7.30 8.83 -14.53
N SER D 190 -8.32 9.08 -15.35
CA SER D 190 -8.20 9.85 -16.58
C SER D 190 -7.66 11.30 -16.41
N ILE D 191 -7.64 11.78 -15.17
CA ILE D 191 -7.38 13.18 -14.90
C ILE D 191 -5.96 13.59 -15.25
N VAL D 192 -5.03 12.63 -15.21
CA VAL D 192 -3.63 12.96 -15.47
C VAL D 192 -3.39 13.49 -16.89
N GLN D 193 -4.23 13.07 -17.85
CA GLN D 193 -4.15 13.70 -19.16
C GLN D 193 -5.37 14.53 -19.53
N LYS D 194 -6.19 14.87 -18.52
CA LYS D 194 -7.23 15.86 -18.74
C LYS D 194 -6.82 17.20 -18.12
N ALA D 195 -5.97 17.12 -17.10
CA ALA D 195 -5.41 18.30 -16.45
C ALA D 195 -3.91 18.11 -16.25
N PRO D 196 -3.16 18.28 -17.36
CA PRO D 196 -1.72 18.05 -17.43
C PRO D 196 -0.99 18.97 -16.46
N ASN D 197 -1.58 20.14 -16.20
CA ASN D 197 -0.87 21.12 -15.38
C ASN D 197 -1.35 21.20 -13.94
N LEU D 198 -2.24 20.30 -13.54
CA LEU D 198 -2.74 20.29 -12.17
C LEU D 198 -1.65 20.16 -11.09
N LYS D 199 -1.56 21.18 -10.25
CA LYS D 199 -0.50 21.31 -9.24
C LYS D 199 -0.99 21.15 -7.80
N ILE D 200 -2.25 21.56 -7.55
CA ILE D 200 -2.81 21.51 -6.21
C ILE D 200 -4.13 20.74 -6.20
N LEU D 201 -4.17 19.67 -5.40
CA LEU D 201 -5.40 18.89 -5.30
C LEU D 201 -5.90 18.79 -3.86
N ASN D 202 -7.15 19.20 -3.65
CA ASN D 202 -7.78 19.04 -2.34
C ASN D 202 -8.80 17.90 -2.31
N LEU D 203 -8.43 16.83 -1.58
CA LEU D 203 -9.31 15.67 -1.44
C LEU D 203 -9.88 15.49 -0.01
N SER D 204 -9.49 16.39 0.90
CA SER D 204 -9.89 16.28 2.30
C SER D 204 -11.40 16.06 2.56
N GLY D 205 -11.72 15.42 3.69
CA GLY D 205 -13.10 15.32 4.10
C GLY D 205 -13.95 14.43 3.22
N ASN D 206 -13.31 13.44 2.60
CA ASN D 206 -14.04 12.46 1.78
C ASN D 206 -14.12 11.11 2.47
N GLU D 207 -14.57 10.09 1.73
CA GLU D 207 -14.60 8.73 2.28
C GLU D 207 -13.46 7.80 1.83
N LEU D 208 -12.25 8.32 1.59
CA LEU D 208 -11.14 7.48 1.13
C LEU D 208 -10.49 6.59 2.20
N LYS D 209 -10.77 5.29 2.13
CA LYS D 209 -10.38 4.33 3.17
C LYS D 209 -8.94 3.84 3.10
N SER D 210 -8.33 3.88 1.91
CA SER D 210 -6.94 3.43 1.81
C SER D 210 -6.05 4.35 1.00
N GLU D 211 -4.81 4.47 1.45
CA GLU D 211 -3.78 5.13 0.69
C GLU D 211 -3.61 4.54 -0.72
N ARG D 212 -4.04 3.29 -0.92
CA ARG D 212 -3.88 2.66 -2.23
C ARG D 212 -4.68 3.40 -3.32
N GLU D 213 -5.70 4.15 -2.91
CA GLU D 213 -6.49 4.90 -3.85
C GLU D 213 -5.67 5.96 -4.56
N LEU D 214 -4.52 6.28 -3.99
CA LEU D 214 -3.69 7.34 -4.52
C LEU D 214 -3.08 6.91 -5.83
N ASP D 215 -2.87 5.60 -5.96
CA ASP D 215 -2.24 5.04 -7.15
C ASP D 215 -3.09 5.26 -8.40
N LYS D 216 -4.42 5.34 -8.22
CA LYS D 216 -5.29 5.64 -9.35
C LYS D 216 -4.94 6.99 -10.01
N ILE D 217 -4.37 7.92 -9.24
CA ILE D 217 -4.08 9.26 -9.74
C ILE D 217 -2.59 9.59 -9.63
N LYS D 218 -1.83 8.53 -9.39
CA LYS D 218 -0.35 8.50 -9.24
C LYS D 218 0.51 9.41 -10.14
N GLY D 219 0.03 9.74 -11.34
CA GLY D 219 0.84 10.46 -12.30
C GLY D 219 0.73 11.97 -12.31
N LEU D 220 -0.04 12.52 -11.39
CA LEU D 220 -0.18 13.98 -11.28
C LEU D 220 1.10 14.60 -10.71
N LYS D 221 1.45 15.78 -11.23
CA LYS D 221 2.71 16.43 -10.84
C LYS D 221 2.45 17.45 -9.73
N LEU D 222 2.24 16.95 -8.51
CA LEU D 222 1.65 17.75 -7.44
C LEU D 222 2.65 18.28 -6.44
N GLU D 223 2.49 19.56 -6.08
CA GLU D 223 3.25 20.18 -4.99
C GLU D 223 2.42 20.25 -3.70
N GLU D 224 1.11 20.41 -3.88
CA GLU D 224 0.17 20.62 -2.77
C GLU D 224 -0.99 19.60 -2.74
N LEU D 225 -1.12 18.90 -1.62
CA LEU D 225 -2.13 17.86 -1.47
C LEU D 225 -2.85 17.95 -0.12
N TRP D 226 -4.16 17.76 -0.14
CA TRP D 226 -4.97 17.70 1.07
C TRP D 226 -5.73 16.38 1.12
N LEU D 227 -5.50 15.63 2.19
CA LEU D 227 -6.06 14.29 2.33
C LEU D 227 -6.67 14.04 3.70
N ASP D 228 -6.49 14.97 4.65
CA ASP D 228 -6.97 14.76 6.02
C ASP D 228 -8.49 14.63 6.08
N GLY D 229 -8.99 13.99 7.13
CA GLY D 229 -10.42 13.77 7.21
C GLY D 229 -10.92 12.62 6.37
N ASN D 230 -9.97 11.78 5.93
CA ASN D 230 -10.25 10.52 5.27
C ASN D 230 -9.79 9.44 6.24
N SER D 231 -10.48 8.30 6.28
CA SER D 231 -10.15 7.22 7.22
C SER D 231 -8.73 6.74 7.00
N LEU D 232 -8.32 6.74 5.73
CA LEU D 232 -7.02 6.22 5.35
C LEU D 232 -5.94 6.79 6.24
N CYS D 233 -6.21 7.95 6.83
CA CYS D 233 -5.21 8.60 7.66
C CYS D 233 -4.93 7.84 8.94
N ASP D 234 -5.94 7.14 9.46
CA ASP D 234 -5.79 6.42 10.73
C ASP D 234 -4.93 5.16 10.60
N THR D 235 -4.59 4.89 9.34
CA THR D 235 -3.68 3.83 8.93
C THR D 235 -2.28 4.04 9.50
N PHE D 236 -1.87 5.30 9.61
CA PHE D 236 -0.49 5.63 9.97
C PHE D 236 -0.30 5.89 11.46
N ARG D 237 0.93 5.65 11.93
CA ARG D 237 1.27 5.77 13.34
C ARG D 237 2.07 7.05 13.62
N ASP D 238 2.46 7.76 12.56
CA ASP D 238 3.01 9.10 12.73
C ASP D 238 3.01 9.89 11.44
N GLN D 239 3.19 11.21 11.56
CA GLN D 239 3.25 12.07 10.38
C GLN D 239 4.32 11.65 9.34
N SER D 240 5.46 11.09 9.82
CA SER D 240 6.57 10.70 8.94
C SER D 240 6.17 9.64 7.90
N THR D 241 5.59 8.54 8.36
CA THR D 241 5.12 7.49 7.49
C THR D 241 4.05 7.96 6.53
N TYR D 242 3.14 8.79 7.02
CA TYR D 242 2.03 9.28 6.20
C TYR D 242 2.59 10.09 5.04
N ILE D 243 3.64 10.86 5.33
CA ILE D 243 4.35 11.66 4.32
C ILE D 243 5.10 10.73 3.36
N SER D 244 5.86 9.80 3.95
CA SER D 244 6.52 8.74 3.21
C SER D 244 5.57 8.11 2.18
N ALA D 245 4.51 7.48 2.67
CA ALA D 245 3.45 6.95 1.82
C ALA D 245 3.03 7.95 0.73
N ILE D 246 2.69 9.20 1.11
CA ILE D 246 2.19 10.14 0.08
C ILE D 246 3.23 10.45 -1.00
N ARG D 247 4.48 10.54 -0.56
CA ARG D 247 5.59 10.94 -1.40
C ARG D 247 6.00 9.84 -2.38
N GLU D 248 5.70 8.58 -2.05
CA GLU D 248 5.88 7.46 -2.99
C GLU D 248 5.17 7.71 -4.32
N ARG D 249 4.05 8.45 -4.28
CA ARG D 249 3.25 8.73 -5.47
C ARG D 249 3.57 10.11 -6.00
N PHE D 250 3.96 10.99 -5.10
CA PHE D 250 4.14 12.41 -5.42
C PHE D 250 5.43 12.87 -4.77
N PRO D 251 6.55 12.57 -5.42
CA PRO D 251 7.86 12.59 -4.73
C PRO D 251 8.44 14.00 -4.60
N LYS D 252 7.84 14.92 -5.36
CA LYS D 252 8.15 16.34 -5.30
C LYS D 252 7.04 17.18 -4.64
N LEU D 253 6.22 16.59 -3.76
CA LEU D 253 5.15 17.33 -3.10
C LEU D 253 5.77 18.39 -2.18
N LEU D 254 5.13 19.55 -2.03
CA LEU D 254 5.72 20.55 -1.14
C LEU D 254 4.94 20.80 0.16
N ARG D 255 3.63 20.93 0.06
CA ARG D 255 2.81 21.16 1.22
C ARG D 255 1.82 20.01 1.30
N LEU D 256 1.52 19.57 2.52
CA LEU D 256 0.50 18.55 2.67
C LEU D 256 -0.49 18.93 3.77
N ASP D 257 -1.74 19.15 3.37
CA ASP D 257 -2.82 19.40 4.33
C ASP D 257 -2.69 20.78 4.93
N GLY D 258 -2.07 21.70 4.20
CA GLY D 258 -1.87 23.05 4.69
C GLY D 258 -0.49 23.35 5.25
N HIS D 259 0.34 22.33 5.42
CA HIS D 259 1.64 22.56 6.02
C HIS D 259 2.78 22.33 5.04
N GLU D 260 3.87 23.06 5.23
CA GLU D 260 5.05 22.89 4.41
C GLU D 260 5.74 21.63 4.92
N LEU D 261 6.17 20.77 4.00
CA LEU D 261 6.85 19.54 4.35
C LEU D 261 8.32 19.81 4.26
N PRO D 262 9.14 18.97 4.92
CA PRO D 262 10.60 19.06 4.73
C PRO D 262 10.99 18.82 3.26
N PRO D 263 12.09 19.44 2.80
CA PRO D 263 12.53 19.10 1.45
C PRO D 263 12.75 17.57 1.34
N PRO D 264 12.42 17.00 0.17
CA PRO D 264 12.64 15.58 -0.08
C PRO D 264 14.15 15.35 -0.08
N ILE D 265 14.60 14.12 0.20
CA ILE D 265 16.04 13.87 0.28
C ILE D 265 16.44 12.95 -0.85
N ALA D 266 17.34 13.44 -1.71
CA ALA D 266 17.73 12.67 -2.89
C ALA D 266 18.91 11.76 -2.58
N PHE D 267 19.01 10.65 -3.31
CA PHE D 267 20.23 9.85 -3.20
C PHE D 267 21.11 9.85 -4.47
#